data_1EZ2
#
_entry.id   1EZ2
#
_cell.length_a   129.400
_cell.length_b   91.000
_cell.length_c   69.200
_cell.angle_alpha   90.00
_cell.angle_beta   91.60
_cell.angle_gamma   90.00
#
_symmetry.space_group_name_H-M   'C 1 2 1'
#
loop_
_entity.id
_entity.type
_entity.pdbx_description
1 polymer PHOSPHOTRIESTERASE
2 non-polymer 'ZINC ION'
3 non-polymer 'METHYLPHOSPHONIC ACID DIISOPROPYL ESTER'
4 water water
#
_entity_poly.entity_id   1
_entity_poly.type   'polypeptide(L)'
_entity_poly.pdbx_seq_one_letter_code
;DRINTVRGPITISEAGFTLTHEHICGSSAGFLRAWPEFFGSRKALAEKAVRGLRRARAAGVRTIVDVSTFDIGRDVSLLA
EVSRAADVHIVAATGLWFDPPLSMRLRSVEELTQFFLREIQYGIEDTGIRAGII(KCX)VATTGKATPFQELVLKAAARA
SLATGVPVTTHTAASQRDGEQQAAIFESEGLSPSRVCIGHSDDTDDLSYLTALAARGYLIGLDHIPHSAIGLEDNASASA
LLGIRSWQTRALLIKALIDQGYMKQILVSNDWLFGFSSYVTNIMDVMDRVNPDGMAFIPLRVIPFLREKGVPQETLAGIT
VTNPARFLSPTLRAS
;
_entity_poly.pdbx_strand_id   A,B
#
# COMPACT_ATOMS: atom_id res chain seq x y z
N ASP A 1 21.92 -5.06 -25.28
CA ASP A 1 23.34 -4.99 -24.94
C ASP A 1 23.62 -5.20 -23.45
N ARG A 2 23.03 -4.33 -22.63
CA ARG A 2 23.22 -4.40 -21.21
C ARG A 2 21.88 -4.61 -20.47
N ILE A 3 21.97 -5.28 -19.36
CA ILE A 3 20.82 -5.51 -18.53
C ILE A 3 20.94 -4.73 -17.24
N ASN A 4 19.86 -4.04 -16.86
CA ASN A 4 19.85 -3.27 -15.62
C ASN A 4 19.66 -4.10 -14.39
N THR A 5 20.60 -3.94 -13.44
CA THR A 5 20.58 -4.63 -12.15
C THR A 5 20.57 -3.61 -11.06
N VAL A 6 20.35 -4.08 -9.86
CA VAL A 6 20.31 -3.16 -8.75
C VAL A 6 21.69 -2.60 -8.45
N ARG A 7 22.75 -3.14 -9.07
CA ARG A 7 24.09 -2.65 -8.84
C ARG A 7 24.55 -1.96 -10.11
N GLY A 8 23.65 -1.85 -11.07
CA GLY A 8 23.95 -1.22 -12.34
C GLY A 8 23.84 -2.19 -13.50
N PRO A 9 24.22 -1.72 -14.66
CA PRO A 9 24.12 -2.55 -15.84
C PRO A 9 25.22 -3.58 -15.91
N ILE A 10 24.88 -4.72 -16.49
CA ILE A 10 25.79 -5.82 -16.70
C ILE A 10 25.58 -6.23 -18.12
N THR A 11 26.56 -6.91 -18.64
CA THR A 11 26.44 -7.36 -19.98
C THR A 11 25.71 -8.69 -19.92
N ILE A 12 25.15 -9.04 -21.06
CA ILE A 12 24.41 -10.26 -21.20
C ILE A 12 25.20 -11.46 -20.73
N SER A 13 26.46 -11.54 -21.11
CA SER A 13 27.32 -12.68 -20.73
C SER A 13 27.52 -12.83 -19.22
N GLU A 14 27.49 -11.72 -18.51
CA GLU A 14 27.68 -11.74 -17.09
C GLU A 14 26.50 -12.35 -16.36
N ALA A 15 25.32 -12.43 -16.99
CA ALA A 15 24.15 -12.98 -16.28
C ALA A 15 24.25 -14.45 -15.82
N GLY A 16 24.81 -15.29 -16.71
CA GLY A 16 24.99 -16.70 -16.46
C GLY A 16 23.66 -17.35 -16.09
N PHE A 17 23.77 -18.33 -15.21
CA PHE A 17 22.65 -19.08 -14.72
C PHE A 17 21.66 -18.13 -14.04
N THR A 18 20.49 -17.95 -14.65
CA THR A 18 19.52 -17.01 -14.08
C THR A 18 18.19 -17.61 -13.61
N LEU A 19 17.72 -17.21 -12.41
CA LEU A 19 16.44 -17.62 -11.80
C LEU A 19 15.48 -16.48 -12.18
N THR A 20 14.57 -16.74 -13.12
CA THR A 20 13.64 -15.72 -13.64
C THR A 20 12.45 -15.20 -12.86
N HIS A 21 12.07 -15.85 -11.77
CA HIS A 21 10.92 -15.44 -10.95
C HIS A 21 11.18 -15.76 -9.50
N GLU A 22 11.60 -14.73 -8.75
CA GLU A 22 11.88 -14.91 -7.35
C GLU A 22 11.54 -13.61 -6.67
N HIS A 23 11.71 -13.60 -5.36
CA HIS A 23 11.47 -12.45 -4.53
C HIS A 23 12.38 -12.49 -3.33
N ILE A 24 12.86 -11.35 -2.86
CA ILE A 24 13.66 -11.37 -1.67
C ILE A 24 12.63 -11.42 -0.54
N CYS A 25 11.57 -10.63 -0.70
CA CYS A 25 10.51 -10.60 0.31
C CYS A 25 9.13 -10.37 -0.32
N GLY A 26 8.10 -11.11 0.13
CA GLY A 26 6.72 -10.96 -0.38
C GLY A 26 5.96 -10.15 0.65
N SER A 27 5.71 -8.88 0.33
CA SER A 27 5.05 -8.05 1.31
C SER A 27 4.05 -7.05 0.63
N SER A 28 4.02 -5.85 1.18
CA SER A 28 3.13 -4.78 0.68
C SER A 28 3.84 -3.41 0.74
N ALA A 29 3.46 -2.47 -0.15
CA ALA A 29 4.05 -1.13 -0.16
C ALA A 29 4.11 -0.54 1.23
N GLY A 30 5.31 -0.07 1.58
CA GLY A 30 5.65 0.56 2.85
C GLY A 30 5.62 -0.35 4.09
N PHE A 31 5.29 -1.61 3.92
CA PHE A 31 5.18 -2.48 5.08
C PHE A 31 6.49 -2.73 5.80
N LEU A 32 7.47 -3.06 5.00
CA LEU A 32 8.77 -3.31 5.56
C LEU A 32 9.27 -2.09 6.35
N ARG A 33 9.04 -0.91 5.85
CA ARG A 33 9.49 0.24 6.60
C ARG A 33 8.64 0.53 7.79
N ALA A 34 7.38 0.16 7.72
CA ALA A 34 6.55 0.46 8.89
C ALA A 34 6.55 -0.54 10.03
N TRP A 35 6.72 -1.82 9.66
CA TRP A 35 6.68 -2.87 10.68
C TRP A 35 7.75 -3.95 10.44
N PRO A 36 9.00 -3.54 10.47
CA PRO A 36 10.11 -4.46 10.24
C PRO A 36 10.14 -5.63 11.25
N GLU A 37 9.62 -5.40 12.43
CA GLU A 37 9.61 -6.44 13.42
C GLU A 37 8.74 -7.57 13.01
N PHE A 38 7.86 -7.34 12.07
CA PHE A 38 7.03 -8.47 11.67
C PHE A 38 7.93 -9.59 11.15
N PHE A 39 9.12 -9.19 10.70
CA PHE A 39 10.04 -10.17 10.16
C PHE A 39 11.19 -10.43 11.11
N GLY A 40 11.01 -10.05 12.36
CA GLY A 40 12.07 -10.19 13.35
C GLY A 40 12.69 -8.81 13.40
N SER A 41 13.33 -8.44 12.32
CA SER A 41 13.97 -7.15 12.17
C SER A 41 14.41 -7.01 10.73
N ARG A 42 14.68 -5.76 10.28
CA ARG A 42 15.16 -5.61 8.91
C ARG A 42 16.48 -6.37 8.71
N LYS A 43 17.30 -6.35 9.75
CA LYS A 43 18.59 -7.03 9.73
C LYS A 43 18.46 -8.55 9.62
N ALA A 44 17.59 -9.11 10.43
CA ALA A 44 17.41 -10.53 10.38
C ALA A 44 16.99 -10.99 8.98
N LEU A 45 16.08 -10.23 8.36
CA LEU A 45 15.59 -10.57 7.05
C LEU A 45 16.70 -10.46 6.02
N ALA A 46 17.49 -9.39 6.14
CA ALA A 46 18.58 -9.23 5.21
C ALA A 46 19.60 -10.37 5.34
N GLU A 47 19.90 -10.76 6.59
CA GLU A 47 20.85 -11.84 6.81
C GLU A 47 20.34 -13.16 6.26
N LYS A 48 19.05 -13.41 6.49
CA LYS A 48 18.46 -14.63 5.98
C LYS A 48 18.57 -14.69 4.46
N ALA A 49 18.30 -13.56 3.83
CA ALA A 49 18.37 -13.47 2.39
C ALA A 49 19.78 -13.67 1.85
N VAL A 50 20.73 -13.05 2.58
CA VAL A 50 22.13 -13.18 2.18
C VAL A 50 22.57 -14.65 2.25
N ARG A 51 22.26 -15.29 3.37
CA ARG A 51 22.61 -16.68 3.48
C ARG A 51 21.98 -17.48 2.38
N GLY A 52 20.69 -17.26 2.17
CA GLY A 52 20.02 -18.00 1.13
C GLY A 52 20.65 -17.74 -0.24
N LEU A 53 20.95 -16.49 -0.54
CA LEU A 53 21.53 -16.20 -1.83
C LEU A 53 22.96 -16.79 -2.00
N ARG A 54 23.71 -16.83 -0.91
CA ARG A 54 25.07 -17.38 -0.98
C ARG A 54 25.00 -18.86 -1.31
N ARG A 55 24.03 -19.54 -0.69
CA ARG A 55 23.82 -20.95 -0.96
C ARG A 55 23.44 -21.19 -2.41
N ALA A 56 22.59 -20.33 -2.96
CA ALA A 56 22.24 -20.53 -4.36
C ALA A 56 23.45 -20.32 -5.29
N ARG A 57 24.20 -19.30 -4.90
CA ARG A 57 25.38 -18.95 -5.65
C ARG A 57 26.37 -20.14 -5.68
N ALA A 58 26.51 -20.73 -4.51
CA ALA A 58 27.41 -21.87 -4.39
C ALA A 58 26.93 -22.93 -5.31
N ALA A 59 25.60 -23.00 -5.49
CA ALA A 59 25.00 -23.99 -6.37
C ALA A 59 25.12 -23.58 -7.80
N GLY A 60 25.61 -22.38 -8.07
CA GLY A 60 25.75 -22.05 -9.50
C GLY A 60 24.86 -20.90 -10.02
N VAL A 61 23.95 -20.43 -9.18
CA VAL A 61 23.08 -19.33 -9.58
C VAL A 61 23.88 -18.01 -9.61
N ARG A 62 23.85 -17.26 -10.72
CA ARG A 62 24.60 -15.99 -10.86
C ARG A 62 23.70 -14.79 -10.77
N THR A 63 22.48 -14.95 -11.26
CA THR A 63 21.52 -13.86 -11.23
C THR A 63 20.10 -14.32 -10.90
N ILE A 64 19.37 -13.47 -10.19
CA ILE A 64 17.98 -13.73 -9.88
C ILE A 64 17.19 -12.50 -10.29
N VAL A 65 15.97 -12.72 -10.76
CA VAL A 65 15.07 -11.60 -11.14
C VAL A 65 14.06 -11.53 -10.01
N ASP A 66 14.06 -10.45 -9.28
CA ASP A 66 13.14 -10.31 -8.19
C ASP A 66 11.98 -9.58 -8.83
N VAL A 67 10.86 -10.31 -9.05
CA VAL A 67 9.69 -9.76 -9.68
C VAL A 67 8.69 -9.04 -8.76
N SER A 68 9.19 -8.52 -7.64
CA SER A 68 8.41 -7.80 -6.66
C SER A 68 8.13 -6.40 -7.20
N THR A 69 6.89 -6.03 -7.18
CA THR A 69 6.48 -4.75 -7.68
C THR A 69 6.27 -3.87 -6.51
N PHE A 70 5.89 -2.63 -6.86
CA PHE A 70 5.59 -1.65 -5.87
C PHE A 70 4.60 -2.24 -4.85
N ASP A 71 3.53 -2.91 -5.32
CA ASP A 71 2.50 -3.46 -4.42
C ASP A 71 2.87 -4.77 -3.71
N ILE A 72 4.03 -5.32 -4.08
CA ILE A 72 4.51 -6.51 -3.42
C ILE A 72 5.44 -6.00 -2.30
N GLY A 73 5.49 -4.65 -2.19
CA GLY A 73 6.30 -4.01 -1.16
C GLY A 73 7.81 -4.07 -1.48
N ARG A 74 8.16 -4.11 -2.76
CA ARG A 74 9.53 -4.12 -3.27
C ARG A 74 10.35 -3.01 -2.57
N ASP A 75 11.47 -3.35 -1.95
CA ASP A 75 12.35 -2.36 -1.29
C ASP A 75 13.66 -2.44 -2.03
N VAL A 76 13.86 -1.57 -2.99
CA VAL A 76 15.07 -1.61 -3.81
C VAL A 76 16.40 -1.46 -3.02
N SER A 77 16.33 -0.67 -1.99
CA SER A 77 17.47 -0.46 -1.18
C SER A 77 17.85 -1.80 -0.51
N LEU A 78 16.84 -2.58 -0.14
CA LEU A 78 17.07 -3.86 0.47
C LEU A 78 17.68 -4.79 -0.55
N LEU A 79 17.19 -4.72 -1.78
CA LEU A 79 17.71 -5.57 -2.83
C LEU A 79 19.18 -5.25 -3.10
N ALA A 80 19.45 -3.96 -3.17
CA ALA A 80 20.81 -3.53 -3.43
C ALA A 80 21.78 -4.03 -2.35
N GLU A 81 21.39 -3.89 -1.11
CA GLU A 81 22.20 -4.33 0.01
C GLU A 81 22.45 -5.83 -0.04
N VAL A 82 21.43 -6.64 -0.22
CA VAL A 82 21.71 -8.07 -0.28
C VAL A 82 22.46 -8.47 -1.53
N SER A 83 22.23 -7.77 -2.67
CA SER A 83 22.93 -8.15 -3.88
C SER A 83 24.44 -8.01 -3.71
N ARG A 84 24.83 -6.87 -3.09
CA ARG A 84 26.22 -6.52 -2.83
C ARG A 84 26.83 -7.53 -1.87
N ALA A 85 26.13 -7.81 -0.81
CA ALA A 85 26.56 -8.75 0.21
C ALA A 85 26.69 -10.18 -0.27
N ALA A 86 25.77 -10.68 -1.09
CA ALA A 86 25.87 -12.07 -1.53
C ALA A 86 26.59 -12.25 -2.82
N ASP A 87 26.80 -11.12 -3.49
CA ASP A 87 27.45 -11.09 -4.76
C ASP A 87 26.66 -11.86 -5.81
N VAL A 88 25.38 -11.57 -5.87
CA VAL A 88 24.56 -12.21 -6.86
C VAL A 88 23.85 -11.05 -7.56
N HIS A 89 23.79 -11.09 -8.88
CA HIS A 89 23.09 -10.00 -9.54
C HIS A 89 21.59 -10.11 -9.30
N ILE A 90 20.94 -8.97 -9.09
CA ILE A 90 19.51 -8.94 -8.88
C ILE A 90 18.87 -7.92 -9.83
N VAL A 91 17.95 -8.41 -10.65
CA VAL A 91 17.20 -7.57 -11.58
C VAL A 91 15.92 -7.16 -10.89
N ALA A 92 15.65 -5.85 -10.83
CA ALA A 92 14.44 -5.33 -10.19
C ALA A 92 13.33 -5.16 -11.24
N ALA A 93 12.11 -5.05 -10.74
CA ALA A 93 10.98 -4.92 -11.60
C ALA A 93 10.10 -3.72 -11.30
N THR A 94 9.32 -3.39 -12.33
CA THR A 94 8.29 -2.38 -12.23
C THR A 94 6.98 -3.20 -12.49
N GLY A 95 5.84 -2.51 -12.63
CA GLY A 95 4.55 -3.13 -12.90
C GLY A 95 3.68 -3.12 -11.69
N LEU A 96 2.59 -3.92 -11.72
CA LEU A 96 1.73 -3.98 -10.56
C LEU A 96 1.24 -5.41 -10.48
N TRP A 97 1.02 -5.84 -9.26
CA TRP A 97 0.54 -7.18 -8.95
C TRP A 97 -0.92 -7.06 -8.60
N PHE A 98 -1.44 -7.87 -7.72
CA PHE A 98 -2.84 -7.72 -7.47
C PHE A 98 -3.28 -7.12 -6.18
N ASP A 99 -2.48 -6.27 -5.63
CA ASP A 99 -2.85 -5.62 -4.42
C ASP A 99 -2.57 -4.12 -4.50
N PRO A 100 -2.89 -3.50 -5.62
CA PRO A 100 -2.67 -2.07 -5.79
C PRO A 100 -3.58 -1.24 -4.87
N PRO A 101 -3.06 -0.14 -4.30
CA PRO A 101 -3.87 0.69 -3.42
C PRO A 101 -4.65 1.65 -4.31
N LEU A 102 -5.52 2.42 -3.68
CA LEU A 102 -6.35 3.37 -4.36
C LEU A 102 -5.65 4.32 -5.27
N SER A 103 -4.52 4.83 -4.79
CA SER A 103 -3.76 5.77 -5.59
C SER A 103 -3.37 5.18 -6.90
N MET A 104 -3.28 3.85 -6.97
CA MET A 104 -2.92 3.27 -8.27
C MET A 104 -4.16 2.86 -9.06
N ARG A 105 -5.15 2.31 -8.33
CA ARG A 105 -6.42 1.81 -8.87
C ARG A 105 -7.20 2.81 -9.68
N LEU A 106 -7.02 4.07 -9.30
CA LEU A 106 -7.73 5.12 -9.98
C LEU A 106 -6.96 5.72 -11.15
N ARG A 107 -5.84 5.13 -11.51
CA ARG A 107 -5.09 5.71 -12.60
C ARG A 107 -5.52 5.23 -13.94
N SER A 108 -5.22 6.03 -14.93
CA SER A 108 -5.55 5.69 -16.31
C SER A 108 -4.41 4.96 -16.94
N VAL A 109 -4.70 4.36 -18.08
CA VAL A 109 -3.68 3.63 -18.79
C VAL A 109 -2.50 4.56 -19.11
N GLU A 110 -2.76 5.82 -19.45
CA GLU A 110 -1.68 6.74 -19.75
C GLU A 110 -0.88 7.04 -18.49
N GLU A 111 -1.57 7.26 -17.39
CA GLU A 111 -0.86 7.54 -16.16
C GLU A 111 0.01 6.34 -15.79
N LEU A 112 -0.56 5.16 -15.76
CA LEU A 112 0.23 3.98 -15.42
C LEU A 112 1.44 3.79 -16.32
N THR A 113 1.29 4.14 -17.58
CA THR A 113 2.39 3.98 -18.50
C THR A 113 3.57 4.84 -18.07
N GLN A 114 3.26 6.07 -17.68
CA GLN A 114 4.29 6.99 -17.23
C GLN A 114 4.97 6.44 -15.96
N PHE A 115 4.18 5.87 -15.09
CA PHE A 115 4.73 5.33 -13.87
C PHE A 115 5.71 4.19 -14.16
N PHE A 116 5.31 3.27 -15.01
CA PHE A 116 6.19 2.17 -15.36
C PHE A 116 7.44 2.68 -16.09
N LEU A 117 7.29 3.65 -16.98
CA LEU A 117 8.42 4.20 -17.72
C LEU A 117 9.41 4.88 -16.75
N ARG A 118 8.84 5.53 -15.75
CA ARG A 118 9.63 6.21 -14.76
C ARG A 118 10.65 5.24 -14.13
N GLU A 119 10.12 4.15 -13.61
CA GLU A 119 10.84 3.08 -12.93
C GLU A 119 11.87 2.43 -13.78
N ILE A 120 11.61 2.36 -15.07
CA ILE A 120 12.51 1.76 -15.99
C ILE A 120 13.60 2.69 -16.49
N GLN A 121 13.22 3.92 -16.79
CA GLN A 121 14.12 4.91 -17.36
C GLN A 121 14.85 5.86 -16.42
N TYR A 122 14.13 6.34 -15.44
CA TYR A 122 14.61 7.27 -14.46
C TYR A 122 15.10 6.54 -13.22
N GLY A 123 14.36 5.52 -12.80
CA GLY A 123 14.77 4.77 -11.62
C GLY A 123 13.68 4.71 -10.58
N ILE A 124 13.86 3.78 -9.69
CA ILE A 124 12.93 3.54 -8.63
C ILE A 124 13.13 4.49 -7.48
N GLU A 125 12.03 5.17 -7.14
CA GLU A 125 12.03 6.13 -6.10
C GLU A 125 13.11 7.14 -6.43
N ASP A 126 13.93 7.45 -5.45
CA ASP A 126 15.00 8.39 -5.71
C ASP A 126 16.36 7.72 -5.81
N THR A 127 16.38 6.42 -5.99
CA THR A 127 17.62 5.69 -6.05
C THR A 127 18.31 5.66 -7.35
N GLY A 128 17.65 6.02 -8.40
CA GLY A 128 18.42 5.89 -9.60
C GLY A 128 18.52 4.41 -10.05
N ILE A 129 18.01 3.47 -9.29
CA ILE A 129 18.11 2.09 -9.75
C ILE A 129 16.98 1.83 -10.78
N ARG A 130 17.32 1.34 -11.95
CA ARG A 130 16.33 1.08 -13.00
C ARG A 130 15.80 -0.33 -13.06
N ALA A 131 14.49 -0.48 -13.29
CA ALA A 131 13.84 -1.79 -13.41
C ALA A 131 14.26 -2.42 -14.72
N GLY A 132 14.46 -3.75 -14.72
CA GLY A 132 14.86 -4.43 -15.93
C GLY A 132 13.73 -5.40 -16.45
N ILE A 133 12.59 -5.36 -15.79
CA ILE A 133 11.47 -6.18 -16.21
C ILE A 133 10.15 -5.60 -15.73
N ILE A 134 9.05 -5.95 -16.42
CA ILE A 134 7.73 -5.46 -16.02
C ILE A 134 6.89 -6.66 -15.58
N VAL A 136 3.24 -8.15 -14.25
CA VAL A 136 1.80 -7.91 -14.17
C VAL A 136 1.13 -9.17 -13.68
N ALA A 137 -0.13 -9.05 -13.32
CA ALA A 137 -0.85 -10.22 -12.83
C ALA A 137 -2.39 -10.22 -12.95
N THR A 138 -2.93 -11.43 -13.03
CA THR A 138 -4.39 -11.68 -13.06
C THR A 138 -4.55 -12.93 -12.21
N THR A 139 -5.75 -13.17 -11.72
CA THR A 139 -6.08 -14.35 -10.92
C THR A 139 -7.45 -14.77 -11.42
N GLY A 140 -7.50 -15.24 -12.65
CA GLY A 140 -8.75 -15.61 -13.23
C GLY A 140 -9.07 -14.48 -14.20
N LYS A 141 -10.33 -14.35 -14.63
CA LYS A 141 -10.71 -13.29 -15.58
C LYS A 141 -10.17 -11.91 -15.14
N ALA A 142 -9.48 -11.23 -16.07
CA ALA A 142 -8.95 -9.92 -15.73
C ALA A 142 -10.02 -8.91 -15.33
N THR A 143 -9.69 -8.09 -14.31
CA THR A 143 -10.59 -7.04 -13.86
C THR A 143 -10.35 -5.89 -14.84
N PRO A 144 -11.26 -4.95 -14.85
CA PRO A 144 -11.09 -3.86 -15.77
C PRO A 144 -9.77 -3.17 -15.50
N PHE A 145 -9.49 -3.04 -14.23
CA PHE A 145 -8.25 -2.40 -13.88
C PHE A 145 -7.06 -3.22 -14.34
N GLN A 146 -7.12 -4.53 -14.18
CA GLN A 146 -6.01 -5.32 -14.62
C GLN A 146 -5.82 -5.20 -16.07
N GLU A 147 -6.91 -4.95 -16.81
CA GLU A 147 -6.74 -4.84 -18.24
C GLU A 147 -5.87 -3.64 -18.60
N LEU A 148 -6.12 -2.58 -17.83
CA LEU A 148 -5.40 -1.35 -18.00
C LEU A 148 -3.92 -1.55 -17.72
N VAL A 149 -3.62 -2.29 -16.64
CA VAL A 149 -2.24 -2.58 -16.26
C VAL A 149 -1.55 -3.30 -17.37
N LEU A 150 -2.22 -4.33 -17.89
CA LEU A 150 -1.63 -5.10 -18.95
C LEU A 150 -1.34 -4.27 -20.19
N LYS A 151 -2.21 -3.31 -20.49
CA LYS A 151 -1.96 -2.48 -21.65
C LYS A 151 -0.80 -1.51 -21.39
N ALA A 152 -0.75 -0.95 -20.17
CA ALA A 152 0.34 -0.03 -19.83
C ALA A 152 1.67 -0.78 -19.87
N ALA A 153 1.64 -2.03 -19.36
CA ALA A 153 2.82 -2.87 -19.36
C ALA A 153 3.30 -3.03 -20.76
N ALA A 154 2.35 -3.31 -21.64
CA ALA A 154 2.73 -3.47 -23.02
C ALA A 154 3.33 -2.20 -23.64
N ARG A 155 2.73 -1.07 -23.31
CA ARG A 155 3.27 0.16 -23.90
C ARG A 155 4.65 0.46 -23.39
N ALA A 156 4.82 0.28 -22.10
CA ALA A 156 6.14 0.53 -21.54
C ALA A 156 7.14 -0.39 -22.16
N SER A 157 6.75 -1.66 -22.36
CA SER A 157 7.68 -2.61 -22.95
C SER A 157 8.03 -2.21 -24.37
N LEU A 158 7.02 -1.77 -25.13
CA LEU A 158 7.27 -1.40 -26.51
C LEU A 158 8.24 -0.22 -26.62
N ALA A 159 8.13 0.73 -25.70
CA ALA A 159 8.99 1.93 -25.67
C ALA A 159 10.41 1.67 -25.17
N THR A 160 10.56 0.70 -24.27
CA THR A 160 11.89 0.43 -23.70
C THR A 160 12.59 -0.83 -24.13
N GLY A 161 11.87 -1.88 -24.52
CA GLY A 161 12.47 -3.12 -24.92
C GLY A 161 12.54 -4.15 -23.75
N VAL A 162 12.19 -3.68 -22.56
CA VAL A 162 12.18 -4.49 -21.35
C VAL A 162 11.04 -5.53 -21.43
N PRO A 163 11.30 -6.75 -20.98
CA PRO A 163 10.30 -7.79 -21.05
C PRO A 163 9.22 -7.69 -20.00
N VAL A 164 8.18 -8.47 -20.27
CA VAL A 164 7.06 -8.52 -19.38
C VAL A 164 6.92 -9.93 -18.87
N THR A 165 6.61 -10.02 -17.58
CA THR A 165 6.45 -11.33 -16.96
C THR A 165 5.17 -11.33 -16.16
N THR A 166 4.46 -12.49 -16.14
CA THR A 166 3.21 -12.49 -15.40
C THR A 166 2.92 -13.59 -14.40
N HIS A 167 1.99 -13.24 -13.51
CA HIS A 167 1.47 -14.14 -12.53
C HIS A 167 0.11 -14.56 -13.14
N THR A 168 -0.18 -15.87 -13.14
CA THR A 168 -1.45 -16.39 -13.67
C THR A 168 -2.05 -17.36 -12.68
N ALA A 169 -3.27 -17.74 -13.00
CA ALA A 169 -4.07 -18.74 -12.32
C ALA A 169 -4.12 -19.69 -13.50
N ALA A 170 -3.03 -20.46 -13.63
CA ALA A 170 -2.83 -21.38 -14.72
C ALA A 170 -4.03 -22.25 -15.05
N SER A 171 -4.65 -22.71 -13.98
CA SER A 171 -5.81 -23.57 -14.10
C SER A 171 -6.90 -22.87 -14.90
N GLN A 172 -7.05 -21.59 -14.65
CA GLN A 172 -8.03 -20.83 -15.37
C GLN A 172 -7.61 -20.40 -16.72
N ARG A 173 -6.50 -20.94 -17.17
CA ARG A 173 -6.03 -20.60 -18.46
C ARG A 173 -5.78 -19.07 -18.65
N ASP A 174 -5.54 -18.31 -17.56
CA ASP A 174 -5.27 -16.84 -17.64
C ASP A 174 -4.38 -16.40 -18.79
N GLY A 175 -3.36 -17.18 -19.06
CA GLY A 175 -2.44 -16.84 -20.11
C GLY A 175 -3.08 -16.48 -21.42
N GLU A 176 -4.21 -17.08 -21.71
CA GLU A 176 -4.88 -16.80 -22.98
C GLU A 176 -5.39 -15.36 -23.05
N GLN A 177 -6.00 -14.96 -21.96
CA GLN A 177 -6.51 -13.62 -21.89
C GLN A 177 -5.38 -12.60 -21.87
N GLN A 178 -4.30 -12.95 -21.20
CA GLN A 178 -3.19 -12.07 -21.12
C GLN A 178 -2.62 -11.83 -22.49
N ALA A 179 -2.39 -12.94 -23.19
CA ALA A 179 -1.82 -12.87 -24.52
C ALA A 179 -2.67 -12.03 -25.46
N ALA A 180 -3.98 -12.15 -25.29
CA ALA A 180 -4.89 -11.42 -26.13
C ALA A 180 -4.68 -9.92 -26.00
N ILE A 181 -4.63 -9.46 -24.76
CA ILE A 181 -4.42 -8.03 -24.52
C ILE A 181 -3.08 -7.54 -25.02
N PHE A 182 -2.04 -8.32 -24.78
CA PHE A 182 -0.73 -7.92 -25.22
C PHE A 182 -0.66 -7.80 -26.71
N GLU A 183 -1.25 -8.78 -27.37
CA GLU A 183 -1.23 -8.76 -28.82
C GLU A 183 -2.00 -7.57 -29.39
N SER A 184 -3.07 -7.22 -28.69
CA SER A 184 -3.94 -6.12 -29.06
C SER A 184 -3.17 -4.82 -28.98
N GLU A 185 -2.04 -4.86 -28.25
CA GLU A 185 -1.19 -3.70 -28.07
C GLU A 185 0.01 -3.74 -29.00
N GLY A 186 0.17 -4.81 -29.76
CA GLY A 186 1.29 -4.88 -30.70
C GLY A 186 2.53 -5.55 -30.13
N LEU A 187 2.43 -6.01 -28.87
CA LEU A 187 3.55 -6.65 -28.19
C LEU A 187 3.89 -8.05 -28.72
N SER A 188 5.18 -8.27 -28.98
CA SER A 188 5.66 -9.55 -29.46
C SER A 188 5.63 -10.54 -28.31
N PRO A 189 5.12 -11.73 -28.55
CA PRO A 189 5.00 -12.74 -27.53
C PRO A 189 6.35 -13.13 -26.98
N SER A 190 7.35 -12.93 -27.81
CA SER A 190 8.69 -13.28 -27.39
C SER A 190 9.15 -12.34 -26.28
N ARG A 191 8.40 -11.28 -25.97
CA ARG A 191 8.84 -10.41 -24.90
C ARG A 191 8.07 -10.68 -23.68
N VAL A 192 7.32 -11.79 -23.74
CA VAL A 192 6.46 -12.16 -22.64
C VAL A 192 6.60 -13.57 -22.07
N CYS A 193 6.64 -13.58 -20.75
CA CYS A 193 6.69 -14.81 -20.00
C CYS A 193 5.40 -15.00 -19.19
N ILE A 194 4.71 -16.14 -19.47
CA ILE A 194 3.46 -16.46 -18.75
C ILE A 194 3.89 -17.38 -17.59
N GLY A 195 3.83 -16.86 -16.39
CA GLY A 195 4.26 -17.57 -15.23
C GLY A 195 3.25 -18.35 -14.47
N HIS A 196 3.83 -19.12 -13.53
CA HIS A 196 3.12 -20.00 -12.64
C HIS A 196 2.43 -21.07 -13.49
N SER A 197 2.97 -21.30 -14.66
CA SER A 197 2.42 -22.25 -15.57
C SER A 197 2.53 -23.70 -15.20
N ASP A 198 3.38 -24.05 -14.27
CA ASP A 198 3.52 -25.47 -13.92
C ASP A 198 2.42 -25.79 -12.93
N ASP A 199 1.63 -24.76 -12.67
CA ASP A 199 0.55 -24.89 -11.75
C ASP A 199 -0.65 -25.72 -12.34
N THR A 200 -0.59 -26.08 -13.62
CA THR A 200 -1.61 -26.86 -14.29
C THR A 200 -0.98 -28.01 -15.05
N ASP A 201 -1.74 -29.13 -15.25
CA ASP A 201 -1.28 -30.32 -15.99
C ASP A 201 -1.65 -30.29 -17.45
N ASP A 202 -2.44 -29.27 -17.81
CA ASP A 202 -2.91 -29.11 -19.18
C ASP A 202 -1.87 -28.78 -20.17
N LEU A 203 -1.28 -29.81 -20.66
CA LEU A 203 -0.28 -29.57 -21.62
C LEU A 203 -0.87 -28.93 -22.87
N SER A 204 -2.20 -29.02 -23.04
CA SER A 204 -2.81 -28.45 -24.25
C SER A 204 -2.72 -26.94 -24.25
N TYR A 205 -2.97 -26.40 -23.11
CA TYR A 205 -2.90 -24.98 -22.90
C TYR A 205 -1.45 -24.49 -23.08
N LEU A 206 -0.52 -25.19 -22.45
CA LEU A 206 0.90 -24.85 -22.53
C LEU A 206 1.48 -24.81 -23.92
N THR A 207 1.33 -25.90 -24.67
CA THR A 207 1.90 -25.92 -26.00
C THR A 207 1.26 -24.90 -26.92
N ALA A 208 0.03 -24.54 -26.57
CA ALA A 208 -0.68 -23.56 -27.39
C ALA A 208 0.06 -22.23 -27.39
N LEU A 209 0.27 -21.79 -26.15
CA LEU A 209 0.97 -20.56 -25.85
C LEU A 209 2.36 -20.62 -26.40
N ALA A 210 3.00 -21.76 -26.13
CA ALA A 210 4.34 -21.95 -26.60
C ALA A 210 4.40 -21.82 -28.10
N ALA A 211 3.48 -22.48 -28.76
CA ALA A 211 3.40 -22.46 -30.20
C ALA A 211 3.27 -21.04 -30.73
N ARG A 212 2.61 -20.22 -29.92
CA ARG A 212 2.40 -18.84 -30.28
C ARG A 212 3.63 -17.95 -30.10
N GLY A 213 4.64 -18.47 -29.41
CA GLY A 213 5.87 -17.71 -29.23
C GLY A 213 6.03 -17.18 -27.80
N TYR A 214 5.12 -17.54 -26.93
CA TYR A 214 5.23 -17.04 -25.60
C TYR A 214 6.26 -17.84 -24.83
N LEU A 215 6.78 -17.24 -23.77
CA LEU A 215 7.70 -17.91 -22.92
C LEU A 215 6.85 -18.46 -21.79
N ILE A 216 7.12 -19.73 -21.42
CA ILE A 216 6.39 -20.39 -20.37
C ILE A 216 7.19 -20.46 -19.11
N GLY A 217 6.68 -19.83 -18.10
CA GLY A 217 7.36 -19.83 -16.84
C GLY A 217 6.96 -20.94 -15.91
N LEU A 218 7.86 -21.92 -15.74
CA LEU A 218 7.60 -23.04 -14.82
C LEU A 218 8.36 -22.68 -13.56
N ASP A 219 7.71 -21.92 -12.72
CA ASP A 219 8.39 -21.44 -11.55
C ASP A 219 7.84 -21.80 -10.22
N HIS A 220 7.01 -22.86 -10.17
CA HIS A 220 6.46 -23.25 -8.90
C HIS A 220 6.90 -24.66 -8.46
N ILE A 221 7.92 -25.14 -9.15
CA ILE A 221 8.48 -26.47 -8.97
C ILE A 221 8.46 -27.01 -7.55
N PRO A 222 9.03 -26.29 -6.61
CA PRO A 222 9.05 -26.76 -5.26
C PRO A 222 7.80 -26.54 -4.50
N HIS A 223 6.80 -25.91 -5.09
CA HIS A 223 5.59 -25.66 -4.34
C HIS A 223 4.77 -26.92 -4.24
N SER A 224 4.67 -27.43 -3.02
CA SER A 224 3.93 -28.65 -2.81
C SER A 224 3.61 -28.81 -1.35
N ALA A 225 2.35 -29.10 -1.04
CA ALA A 225 1.97 -29.26 0.33
C ALA A 225 1.75 -30.73 0.63
N ILE A 226 2.31 -31.58 -0.23
CA ILE A 226 2.17 -33.01 -0.05
C ILE A 226 2.67 -33.37 1.35
N GLY A 227 1.82 -34.02 2.13
CA GLY A 227 2.20 -34.37 3.47
C GLY A 227 1.87 -33.23 4.43
N LEU A 228 1.16 -32.27 3.88
CA LEU A 228 0.74 -31.11 4.62
C LEU A 228 -0.74 -30.87 4.45
N GLU A 229 -1.45 -31.88 3.92
CA GLU A 229 -2.88 -31.70 3.75
C GLU A 229 -3.56 -31.37 5.06
N ASP A 230 -2.79 -31.54 6.12
CA ASP A 230 -3.19 -31.25 7.46
C ASP A 230 -3.43 -29.72 7.61
N ASN A 231 -2.67 -28.93 6.81
CA ASN A 231 -2.73 -27.46 6.81
C ASN A 231 -3.48 -26.88 5.62
N ALA A 232 -4.67 -26.36 5.90
CA ALA A 232 -5.52 -25.77 4.88
C ALA A 232 -4.83 -24.68 4.08
N SER A 233 -4.31 -23.72 4.83
CA SER A 233 -3.58 -22.57 4.30
C SER A 233 -2.44 -22.99 3.37
N ALA A 234 -1.60 -23.86 3.88
CA ALA A 234 -0.49 -24.32 3.09
C ALA A 234 -0.93 -25.03 1.84
N SER A 235 -1.93 -25.86 2.03
CA SER A 235 -2.47 -26.62 0.94
C SER A 235 -3.00 -25.71 -0.16
N ALA A 236 -3.73 -24.67 0.29
CA ALA A 236 -4.33 -23.70 -0.62
C ALA A 236 -3.27 -23.01 -1.45
N LEU A 237 -2.24 -22.61 -0.75
CA LEU A 237 -1.13 -21.92 -1.36
C LEU A 237 -0.26 -22.80 -2.24
N LEU A 238 0.20 -23.94 -1.68
CA LEU A 238 1.11 -24.85 -2.39
C LEU A 238 0.58 -25.88 -3.36
N GLY A 239 -0.65 -26.35 -3.13
CA GLY A 239 -1.16 -27.37 -4.02
C GLY A 239 -0.81 -28.75 -3.47
N ILE A 240 -1.19 -29.80 -4.19
CA ILE A 240 -0.92 -31.16 -3.75
C ILE A 240 -0.22 -31.96 -4.79
N ARG A 241 0.24 -31.27 -5.79
CA ARG A 241 0.97 -31.94 -6.81
C ARG A 241 2.41 -32.04 -6.31
N SER A 242 3.08 -33.11 -6.62
CA SER A 242 4.43 -33.21 -6.14
C SER A 242 5.37 -32.41 -7.05
N TRP A 243 6.57 -32.18 -6.56
CA TRP A 243 7.54 -31.44 -7.34
C TRP A 243 7.95 -32.17 -8.57
N GLN A 244 7.93 -33.50 -8.48
CA GLN A 244 8.31 -34.24 -9.65
C GLN A 244 7.29 -34.04 -10.77
N THR A 245 6.01 -34.00 -10.37
CA THR A 245 4.93 -33.79 -11.35
C THR A 245 5.20 -32.53 -12.13
N ARG A 246 5.42 -31.47 -11.36
CA ARG A 246 5.71 -30.16 -11.94
C ARG A 246 6.96 -30.20 -12.80
N ALA A 247 8.02 -30.81 -12.23
CA ALA A 247 9.29 -30.91 -12.95
C ALA A 247 9.11 -31.60 -14.30
N LEU A 248 8.19 -32.57 -14.33
CA LEU A 248 7.97 -33.31 -15.58
C LEU A 248 7.39 -32.49 -16.73
N LEU A 249 6.69 -31.39 -16.37
CA LEU A 249 6.14 -30.51 -17.38
C LEU A 249 7.30 -29.94 -18.19
N ILE A 250 8.41 -29.68 -17.51
CA ILE A 250 9.55 -29.17 -18.22
C ILE A 250 9.97 -30.14 -19.31
N LYS A 251 10.08 -31.40 -18.92
CA LYS A 251 10.47 -32.39 -19.90
C LYS A 251 9.49 -32.51 -21.10
N ALA A 252 8.20 -32.48 -20.77
CA ALA A 252 7.17 -32.58 -21.77
C ALA A 252 7.36 -31.53 -22.85
N LEU A 253 7.52 -30.27 -22.40
CA LEU A 253 7.72 -29.14 -23.30
C LEU A 253 8.94 -29.27 -24.17
N ILE A 254 9.97 -29.81 -23.56
CA ILE A 254 11.18 -30.00 -24.31
C ILE A 254 10.84 -30.99 -25.40
N ASP A 255 10.23 -32.07 -24.94
CA ASP A 255 9.83 -33.13 -25.85
C ASP A 255 9.04 -32.58 -27.06
N GLN A 256 8.17 -31.61 -26.83
CA GLN A 256 7.40 -31.06 -27.93
C GLN A 256 8.12 -30.12 -28.82
N GLY A 257 9.39 -29.88 -28.50
CA GLY A 257 10.20 -28.96 -29.28
C GLY A 257 10.20 -27.53 -28.74
N TYR A 258 9.74 -27.35 -27.53
CA TYR A 258 9.73 -26.01 -27.03
C TYR A 258 10.81 -25.61 -26.04
N MET A 259 12.00 -26.19 -26.19
CA MET A 259 13.10 -25.88 -25.29
C MET A 259 13.46 -24.39 -25.18
N LYS A 260 13.48 -23.68 -26.33
CA LYS A 260 13.79 -22.25 -26.38
C LYS A 260 12.77 -21.36 -25.70
N GLN A 261 11.65 -21.91 -25.25
CA GLN A 261 10.64 -21.08 -24.63
C GLN A 261 10.40 -21.36 -23.18
N ILE A 262 11.25 -22.13 -22.60
CA ILE A 262 11.03 -22.43 -21.22
C ILE A 262 11.91 -21.59 -20.31
N LEU A 263 11.32 -21.21 -19.18
CA LEU A 263 11.99 -20.46 -18.14
C LEU A 263 11.62 -21.13 -16.85
N VAL A 264 12.63 -21.48 -16.04
CA VAL A 264 12.36 -22.14 -14.77
C VAL A 264 12.81 -21.33 -13.57
N SER A 265 12.05 -21.46 -12.49
CA SER A 265 12.32 -20.75 -11.25
C SER A 265 11.66 -21.41 -10.06
N ASN A 266 11.77 -20.79 -8.89
CA ASN A 266 11.22 -21.34 -7.68
C ASN A 266 10.15 -20.51 -7.06
N ASP A 267 10.08 -19.24 -7.45
CA ASP A 267 9.12 -18.35 -6.82
C ASP A 267 9.34 -18.40 -5.32
N TRP A 268 10.62 -18.38 -4.93
CA TRP A 268 10.98 -18.40 -3.50
C TRP A 268 11.07 -16.95 -2.91
N LEU A 269 11.22 -16.85 -1.60
CA LEU A 269 11.31 -15.60 -0.88
C LEU A 269 11.89 -15.87 0.49
N PHE A 270 12.26 -14.82 1.20
CA PHE A 270 12.84 -15.00 2.51
C PHE A 270 11.98 -14.47 3.59
N GLY A 271 11.03 -13.68 3.18
CA GLY A 271 10.06 -13.05 4.07
C GLY A 271 8.71 -13.03 3.31
N PHE A 272 7.62 -13.13 4.05
CA PHE A 272 6.30 -13.19 3.43
C PHE A 272 5.27 -12.65 4.37
N SER A 273 4.89 -11.40 4.21
CA SER A 273 3.88 -10.85 5.12
C SER A 273 2.49 -10.82 4.48
N SER A 274 2.44 -10.98 3.18
CA SER A 274 1.16 -10.95 2.53
C SER A 274 0.45 -12.32 2.55
N TYR A 275 0.57 -13.03 3.64
CA TYR A 275 -0.08 -14.32 3.79
C TYR A 275 -0.24 -14.62 5.24
N VAL A 276 -0.71 -15.82 5.60
CA VAL A 276 -0.88 -16.12 7.02
C VAL A 276 0.43 -16.04 7.82
N THR A 277 0.32 -15.65 9.07
CA THR A 277 1.48 -15.56 9.92
C THR A 277 2.22 -16.89 9.98
N ASN A 278 3.53 -16.86 9.97
CA ASN A 278 4.32 -18.09 10.05
C ASN A 278 4.34 -18.99 8.83
N ILE A 279 3.72 -18.56 7.75
CA ILE A 279 3.76 -19.39 6.57
C ILE A 279 5.19 -19.72 6.17
N MET A 280 6.12 -18.80 6.43
CA MET A 280 7.51 -19.03 6.06
C MET A 280 8.09 -20.30 6.64
N ASP A 281 7.83 -20.51 7.93
CA ASP A 281 8.31 -21.69 8.59
C ASP A 281 7.91 -22.93 7.86
N VAL A 282 6.68 -22.88 7.41
CA VAL A 282 6.10 -23.95 6.68
C VAL A 282 6.86 -24.14 5.37
N MET A 283 7.15 -23.02 4.68
CA MET A 283 7.83 -23.09 3.41
C MET A 283 9.22 -23.63 3.51
N ASP A 284 9.91 -23.09 4.48
CA ASP A 284 11.28 -23.53 4.70
C ASP A 284 11.33 -25.02 4.95
N ARG A 285 10.33 -25.55 5.69
CA ARG A 285 10.24 -26.97 5.97
C ARG A 285 9.99 -27.77 4.72
N VAL A 286 9.16 -27.24 3.88
CA VAL A 286 8.87 -27.86 2.65
C VAL A 286 10.09 -27.85 1.73
N ASN A 287 10.81 -26.72 1.69
CA ASN A 287 11.94 -26.67 0.77
C ASN A 287 13.11 -25.96 1.37
N PRO A 288 13.85 -26.71 2.16
CA PRO A 288 15.03 -26.22 2.84
C PRO A 288 16.07 -25.73 1.88
N ASP A 289 16.05 -26.21 0.64
CA ASP A 289 17.01 -25.76 -0.35
C ASP A 289 16.75 -24.33 -0.82
N GLY A 290 15.59 -23.79 -0.51
CA GLY A 290 15.31 -22.43 -0.97
C GLY A 290 15.50 -22.29 -2.48
N MET A 291 16.15 -21.19 -2.91
CA MET A 291 16.37 -20.95 -4.35
C MET A 291 17.33 -21.92 -5.01
N ALA A 292 18.08 -22.67 -4.21
CA ALA A 292 19.02 -23.64 -4.80
C ALA A 292 18.32 -24.93 -5.23
N PHE A 293 17.03 -25.00 -4.93
CA PHE A 293 16.23 -26.17 -5.28
C PHE A 293 16.37 -26.53 -6.76
N ILE A 294 16.28 -25.53 -7.63
CA ILE A 294 16.42 -25.81 -9.00
C ILE A 294 17.72 -26.52 -9.40
N PRO A 295 18.84 -25.88 -9.16
CA PRO A 295 20.12 -26.52 -9.58
C PRO A 295 20.45 -27.80 -8.81
N LEU A 296 20.05 -27.83 -7.56
CA LEU A 296 20.37 -29.00 -6.79
C LEU A 296 19.45 -30.15 -7.00
N ARG A 297 18.19 -29.85 -7.24
CA ARG A 297 17.25 -30.96 -7.38
C ARG A 297 16.64 -31.21 -8.74
N VAL A 298 16.11 -30.17 -9.34
CA VAL A 298 15.47 -30.27 -10.61
C VAL A 298 16.35 -30.65 -11.76
N ILE A 299 17.50 -29.95 -11.92
CA ILE A 299 18.41 -30.22 -13.04
C ILE A 299 18.89 -31.68 -13.11
N PRO A 300 19.28 -32.18 -11.96
CA PRO A 300 19.77 -33.56 -11.91
C PRO A 300 18.66 -34.54 -12.26
N PHE A 301 17.46 -34.19 -11.79
CA PHE A 301 16.27 -35.01 -12.02
C PHE A 301 15.98 -35.12 -13.51
N LEU A 302 16.05 -33.97 -14.16
CA LEU A 302 15.79 -33.97 -15.56
C LEU A 302 16.83 -34.69 -16.32
N ARG A 303 18.05 -34.59 -15.78
CA ARG A 303 19.23 -35.22 -16.35
C ARG A 303 18.96 -36.72 -16.35
N GLU A 304 18.58 -37.20 -15.16
CA GLU A 304 18.31 -38.60 -15.03
C GLU A 304 17.18 -39.06 -15.91
N LYS A 305 16.27 -38.15 -16.23
CA LYS A 305 15.16 -38.50 -17.07
C LYS A 305 15.54 -38.48 -18.52
N GLY A 306 16.78 -38.20 -18.82
CA GLY A 306 17.09 -38.20 -20.22
C GLY A 306 17.42 -36.86 -20.83
N VAL A 307 17.21 -35.75 -20.11
CA VAL A 307 17.54 -34.45 -20.70
C VAL A 307 19.03 -34.15 -20.82
N PRO A 308 19.48 -33.85 -22.04
CA PRO A 308 20.88 -33.55 -22.26
C PRO A 308 21.27 -32.32 -21.51
N GLN A 309 22.47 -32.38 -20.94
CA GLN A 309 22.97 -31.26 -20.17
C GLN A 309 22.89 -29.95 -20.96
N GLU A 310 23.29 -30.07 -22.24
CA GLU A 310 23.34 -28.99 -23.22
C GLU A 310 22.04 -28.22 -23.25
N THR A 311 20.96 -29.01 -23.20
CA THR A 311 19.59 -28.52 -23.20
C THR A 311 19.26 -27.81 -21.90
N LEU A 312 19.76 -28.37 -20.81
CA LEU A 312 19.56 -27.80 -19.50
C LEU A 312 20.28 -26.43 -19.42
N ALA A 313 21.43 -26.38 -20.07
CA ALA A 313 22.19 -25.15 -20.10
C ALA A 313 21.41 -24.06 -20.86
N GLY A 314 20.78 -24.49 -21.94
CA GLY A 314 20.00 -23.56 -22.75
C GLY A 314 18.87 -22.94 -21.97
N ILE A 315 18.20 -23.77 -21.21
CA ILE A 315 17.10 -23.31 -20.44
C ILE A 315 17.47 -22.38 -19.30
N THR A 316 18.58 -22.67 -18.62
CA THR A 316 18.97 -21.85 -17.47
C THR A 316 19.89 -20.65 -17.75
N VAL A 317 20.48 -20.65 -18.93
CA VAL A 317 21.38 -19.61 -19.30
C VAL A 317 20.98 -18.86 -20.54
N THR A 318 20.83 -19.59 -21.62
CA THR A 318 20.48 -18.92 -22.87
C THR A 318 19.12 -18.23 -22.93
N ASN A 319 18.10 -18.96 -22.52
CA ASN A 319 16.76 -18.43 -22.56
C ASN A 319 16.63 -17.13 -21.78
N PRO A 320 17.07 -17.15 -20.52
CA PRO A 320 16.98 -15.96 -19.69
C PRO A 320 17.68 -14.76 -20.29
N ALA A 321 18.85 -15.00 -20.86
CA ALA A 321 19.62 -13.92 -21.47
C ALA A 321 18.84 -13.29 -22.57
N ARG A 322 18.33 -14.15 -23.46
CA ARG A 322 17.56 -13.72 -24.59
C ARG A 322 16.32 -12.95 -24.15
N PHE A 323 15.65 -13.47 -23.14
CA PHE A 323 14.48 -12.84 -22.63
C PHE A 323 14.76 -11.47 -22.00
N LEU A 324 15.76 -11.42 -21.13
CA LEU A 324 16.13 -10.21 -20.42
C LEU A 324 16.72 -9.07 -21.24
N SER A 325 17.43 -9.41 -22.33
CA SER A 325 18.04 -8.39 -23.15
C SER A 325 16.99 -7.43 -23.71
N PRO A 326 17.12 -6.14 -23.41
CA PRO A 326 16.16 -5.18 -23.90
C PRO A 326 16.09 -5.24 -25.41
N THR A 327 14.88 -5.46 -25.93
CA THR A 327 14.74 -5.57 -27.37
C THR A 327 13.55 -4.82 -27.93
N LEU A 328 13.82 -3.93 -28.88
CA LEU A 328 12.74 -3.19 -29.53
C LEU A 328 12.48 -3.76 -30.93
N ARG A 329 11.26 -3.47 -31.42
CA ARG A 329 10.75 -3.90 -32.72
C ARG A 329 11.31 -3.14 -33.93
N ASP B 1 -0.80 15.48 30.44
CA ASP B 1 0.35 16.34 30.58
C ASP B 1 0.97 16.76 29.24
N ARG B 2 1.41 15.77 28.44
CA ARG B 2 2.01 16.10 27.18
C ARG B 2 1.43 15.42 25.97
N ILE B 3 1.47 16.15 24.84
CA ILE B 3 1.00 15.63 23.59
C ILE B 3 2.14 15.42 22.63
N ASN B 4 2.18 14.26 21.98
CA ASN B 4 3.22 13.97 21.00
C ASN B 4 2.97 14.62 19.65
N THR B 5 3.91 15.45 19.21
CA THR B 5 3.82 16.07 17.90
C THR B 5 4.97 15.55 17.05
N VAL B 6 4.96 15.90 15.78
CA VAL B 6 6.01 15.46 14.89
C VAL B 6 7.32 16.16 15.23
N ARG B 7 7.28 17.18 16.06
CA ARG B 7 8.49 17.87 16.45
C ARG B 7 8.78 17.53 17.89
N GLY B 8 8.01 16.59 18.44
CA GLY B 8 8.20 16.20 19.83
C GLY B 8 7.01 16.58 20.70
N PRO B 9 7.15 16.36 21.98
CA PRO B 9 6.08 16.64 22.93
C PRO B 9 5.89 18.07 23.26
N ILE B 10 4.64 18.45 23.42
CA ILE B 10 4.28 19.78 23.78
C ILE B 10 3.34 19.68 24.94
N THR B 11 3.26 20.76 25.69
CA THR B 11 2.36 20.78 26.78
C THR B 11 0.99 21.14 26.23
N ILE B 12 -0.03 20.80 26.99
CA ILE B 12 -1.39 21.06 26.57
C ILE B 12 -1.67 22.52 26.22
N SER B 13 -1.14 23.42 27.03
CA SER B 13 -1.35 24.85 26.85
C SER B 13 -0.78 25.38 25.55
N GLU B 14 0.21 24.67 25.04
CA GLU B 14 0.84 25.05 23.82
C GLU B 14 0.01 24.70 22.59
N ALA B 15 -0.90 23.73 22.70
CA ALA B 15 -1.67 23.38 21.49
C ALA B 15 -2.51 24.56 20.92
N GLY B 16 -3.15 25.30 21.83
CA GLY B 16 -3.94 26.39 21.36
C GLY B 16 -5.04 25.94 20.40
N PHE B 17 -5.36 26.84 19.52
CA PHE B 17 -6.37 26.63 18.55
C PHE B 17 -5.97 25.43 17.67
N THR B 18 -6.76 24.34 17.77
CA THR B 18 -6.42 23.11 17.02
C THR B 18 -7.50 22.59 16.09
N LEU B 19 -7.10 22.15 14.91
CA LEU B 19 -7.93 21.58 13.84
C LEU B 19 -7.71 20.08 14.05
N THR B 20 -8.74 19.37 14.49
CA THR B 20 -8.66 17.96 14.82
C THR B 20 -8.74 16.90 13.74
N HIS B 21 -8.98 17.27 12.48
CA HIS B 21 -9.04 16.27 11.41
C HIS B 21 -8.67 16.92 10.13
N GLU B 22 -7.41 16.71 9.78
CA GLU B 22 -6.87 17.26 8.58
C GLU B 22 -5.88 16.30 8.01
N HIS B 23 -5.33 16.67 6.86
CA HIS B 23 -4.32 15.87 6.16
C HIS B 23 -3.36 16.77 5.41
N ILE B 24 -2.08 16.42 5.38
CA ILE B 24 -1.17 17.23 4.59
C ILE B 24 -1.38 16.70 3.17
N CYS B 25 -1.44 15.38 3.08
CA CYS B 25 -1.62 14.77 1.81
C CYS B 25 -2.51 13.52 1.88
N GLY B 26 -3.39 13.30 0.92
CA GLY B 26 -4.26 12.11 0.92
C GLY B 26 -3.73 11.18 -0.15
N SER B 27 -3.06 10.10 0.28
CA SER B 27 -2.48 9.20 -0.69
C SER B 27 -2.59 7.71 -0.29
N SER B 28 -1.53 6.98 -0.60
CA SER B 28 -1.48 5.57 -0.28
C SER B 28 -0.06 5.19 0.19
N ALA B 29 0.06 4.12 0.97
CA ALA B 29 1.36 3.66 1.45
C ALA B 29 2.35 3.55 0.32
N GLY B 30 3.51 4.19 0.53
CA GLY B 30 4.65 4.21 -0.42
C GLY B 30 4.50 4.99 -1.72
N PHE B 31 3.34 5.57 -1.95
CA PHE B 31 3.09 6.30 -3.17
C PHE B 31 3.92 7.57 -3.35
N LEU B 32 3.90 8.38 -2.32
CA LEU B 32 4.67 9.63 -2.39
C LEU B 32 6.14 9.35 -2.74
N ARG B 33 6.73 8.29 -2.20
CA ARG B 33 8.12 7.98 -2.51
C ARG B 33 8.32 7.38 -3.86
N ALA B 34 7.35 6.63 -4.32
CA ALA B 34 7.56 6.03 -5.62
C ALA B 34 7.17 6.92 -6.79
N TRP B 35 6.18 7.83 -6.56
CA TRP B 35 5.76 8.64 -7.68
C TRP B 35 5.48 10.06 -7.28
N PRO B 36 6.52 10.74 -6.80
CA PRO B 36 6.43 12.10 -6.36
C PRO B 36 5.91 13.07 -7.44
N GLU B 37 6.23 12.77 -8.68
CA GLU B 37 5.81 13.61 -9.79
C GLU B 37 4.32 13.70 -9.91
N PHE B 38 3.63 12.71 -9.38
CA PHE B 38 2.19 12.75 -9.44
C PHE B 38 1.68 14.08 -8.88
N PHE B 39 2.42 14.60 -7.91
CA PHE B 39 2.07 15.86 -7.26
C PHE B 39 2.96 17.00 -7.79
N GLY B 40 3.52 16.82 -8.98
CA GLY B 40 4.39 17.84 -9.51
C GLY B 40 5.77 17.41 -9.02
N SER B 41 5.97 17.51 -7.72
CA SER B 41 7.19 17.06 -7.14
C SER B 41 6.99 17.09 -5.69
N ARG B 42 7.89 16.45 -4.96
CA ARG B 42 7.76 16.46 -3.51
C ARG B 42 7.96 17.87 -2.99
N LYS B 43 8.87 18.58 -3.63
CA LYS B 43 9.14 19.95 -3.23
C LYS B 43 7.91 20.84 -3.44
N ALA B 44 7.29 20.67 -4.58
CA ALA B 44 6.12 21.47 -4.83
C ALA B 44 5.08 21.22 -3.77
N LEU B 45 4.90 19.96 -3.50
CA LEU B 45 3.93 19.59 -2.53
C LEU B 45 4.19 20.19 -1.19
N ALA B 46 5.43 20.05 -0.75
CA ALA B 46 5.77 20.60 0.55
C ALA B 46 5.54 22.12 0.62
N GLU B 47 5.90 22.81 -0.48
CA GLU B 47 5.75 24.24 -0.55
C GLU B 47 4.29 24.65 -0.45
N LYS B 48 3.47 23.92 -1.18
CA LYS B 48 2.05 24.21 -1.15
C LYS B 48 1.56 24.08 0.29
N ALA B 49 2.00 23.00 0.91
CA ALA B 49 1.62 22.74 2.27
C ALA B 49 2.06 23.81 3.23
N VAL B 50 3.33 24.23 3.06
CA VAL B 50 3.86 25.27 3.94
C VAL B 50 3.05 26.56 3.79
N ARG B 51 2.79 26.93 2.55
CA ARG B 51 2.02 28.14 2.33
C ARG B 51 0.65 28.05 2.99
N GLY B 52 0.00 26.93 2.75
CA GLY B 52 -1.30 26.77 3.32
C GLY B 52 -1.27 26.82 4.84
N LEU B 53 -0.30 26.14 5.43
CA LEU B 53 -0.25 26.14 6.86
C LEU B 53 0.07 27.54 7.44
N ARG B 54 0.90 28.32 6.72
CA ARG B 54 1.25 29.65 7.21
C ARG B 54 0.03 30.51 7.17
N ARG B 55 -0.81 30.25 6.16
CA ARG B 55 -2.04 31.03 6.10
C ARG B 55 -2.96 30.69 7.23
N ALA B 56 -3.02 29.41 7.58
CA ALA B 56 -3.88 29.02 8.68
C ALA B 56 -3.33 29.59 9.99
N ARG B 57 -2.01 29.58 10.06
CA ARG B 57 -1.35 30.09 11.22
C ARG B 57 -1.68 31.56 11.40
N ALA B 58 -1.59 32.28 10.27
CA ALA B 58 -1.88 33.70 10.27
C ALA B 58 -3.28 33.95 10.83
N ALA B 59 -4.18 33.00 10.54
CA ALA B 59 -5.56 33.02 10.97
C ALA B 59 -5.76 32.64 12.41
N GLY B 60 -4.72 32.14 13.05
CA GLY B 60 -4.84 31.79 14.47
C GLY B 60 -4.69 30.31 14.81
N VAL B 61 -4.59 29.48 13.77
CA VAL B 61 -4.45 28.06 14.01
C VAL B 61 -3.05 27.76 14.56
N ARG B 62 -2.97 27.04 15.65
CA ARG B 62 -1.67 26.69 16.24
C ARG B 62 -1.26 25.26 16.00
N THR B 63 -2.24 24.39 16.02
CA THR B 63 -1.99 22.98 15.84
C THR B 63 -3.03 22.32 14.97
N ILE B 64 -2.55 21.31 14.25
CA ILE B 64 -3.37 20.48 13.39
C ILE B 64 -3.06 19.03 13.68
N VAL B 65 -4.10 18.23 13.57
CA VAL B 65 -3.98 16.80 13.75
C VAL B 65 -4.09 16.18 12.36
N ASP B 66 -3.01 15.60 11.88
CA ASP B 66 -3.02 14.97 10.57
C ASP B 66 -3.43 13.52 10.83
N VAL B 67 -4.69 13.17 10.47
CA VAL B 67 -5.21 11.83 10.70
C VAL B 67 -4.86 10.82 9.63
N SER B 68 -3.82 11.08 8.84
CA SER B 68 -3.40 10.17 7.81
C SER B 68 -2.75 8.95 8.45
N THR B 69 -3.21 7.77 8.06
CA THR B 69 -2.69 6.54 8.60
C THR B 69 -1.72 5.98 7.62
N PHE B 70 -1.14 4.84 8.02
CA PHE B 70 -0.23 4.18 7.13
C PHE B 70 -0.86 3.99 5.73
N ASP B 71 -2.15 3.57 5.67
CA ASP B 71 -2.75 3.33 4.36
C ASP B 71 -3.22 4.58 3.61
N ILE B 72 -3.12 5.73 4.30
CA ILE B 72 -3.45 7.00 3.69
C ILE B 72 -2.12 7.54 3.10
N GLY B 73 -1.03 6.71 3.23
CA GLY B 73 0.29 7.11 2.70
C GLY B 73 1.00 8.19 3.53
N ARG B 74 0.64 8.25 4.83
CA ARG B 74 1.20 9.18 5.79
C ARG B 74 2.73 9.12 5.65
N ASP B 75 3.37 10.28 5.52
CA ASP B 75 4.83 10.38 5.41
C ASP B 75 5.26 11.27 6.55
N VAL B 76 5.64 10.68 7.69
CA VAL B 76 6.02 11.51 8.82
C VAL B 76 7.14 12.49 8.57
N SER B 77 8.09 12.11 7.74
CA SER B 77 9.21 12.99 7.41
C SER B 77 8.67 14.26 6.75
N LEU B 78 7.73 14.08 5.83
CA LEU B 78 7.12 15.20 5.17
C LEU B 78 6.40 16.07 6.23
N LEU B 79 5.69 15.41 7.15
CA LEU B 79 5.01 16.15 8.18
C LEU B 79 5.97 16.96 9.03
N ALA B 80 7.08 16.34 9.42
CA ALA B 80 8.07 17.02 10.25
C ALA B 80 8.67 18.23 9.52
N GLU B 81 8.97 18.07 8.27
CA GLU B 81 9.52 19.20 7.54
C GLU B 81 8.53 20.37 7.45
N VAL B 82 7.33 20.10 7.01
CA VAL B 82 6.38 21.19 6.92
C VAL B 82 6.06 21.80 8.25
N SER B 83 6.06 21.00 9.31
CA SER B 83 5.73 21.54 10.61
C SER B 83 6.77 22.58 11.01
N ARG B 84 7.99 22.19 10.74
CA ARG B 84 9.13 23.03 11.05
C ARG B 84 9.09 24.30 10.22
N ALA B 85 8.93 24.18 8.92
CA ALA B 85 8.92 25.35 8.04
C ALA B 85 7.78 26.33 8.27
N ALA B 86 6.63 25.83 8.70
CA ALA B 86 5.47 26.71 8.92
C ALA B 86 5.31 27.09 10.33
N ASP B 87 6.03 26.37 11.19
CA ASP B 87 5.89 26.65 12.56
C ASP B 87 4.48 26.39 13.07
N VAL B 88 3.98 25.23 12.72
CA VAL B 88 2.69 24.81 13.17
C VAL B 88 2.84 23.39 13.77
N HIS B 89 2.28 23.17 14.94
CA HIS B 89 2.39 21.85 15.50
C HIS B 89 1.53 20.87 14.71
N ILE B 90 2.04 19.70 14.49
CA ILE B 90 1.30 18.66 13.76
C ILE B 90 1.31 17.37 14.56
N VAL B 91 0.13 16.85 14.89
CA VAL B 91 0.02 15.57 15.62
C VAL B 91 -0.19 14.50 14.59
N ALA B 92 0.61 13.42 14.65
CA ALA B 92 0.50 12.33 13.70
C ALA B 92 -0.38 11.22 14.25
N ALA B 93 -0.78 10.33 13.34
CA ALA B 93 -1.63 9.25 13.74
C ALA B 93 -1.13 7.90 13.34
N THR B 94 -1.73 6.95 14.04
CA THR B 94 -1.56 5.55 13.77
C THR B 94 -3.02 5.07 13.45
N GLY B 95 -3.19 3.77 13.22
CA GLY B 95 -4.50 3.20 12.92
C GLY B 95 -4.56 2.75 11.50
N LEU B 96 -5.78 2.46 11.00
CA LEU B 96 -5.87 2.05 9.60
C LEU B 96 -7.13 2.64 9.04
N TRP B 97 -7.07 2.98 7.78
CA TRP B 97 -8.21 3.56 7.09
C TRP B 97 -8.90 2.47 6.26
N PHE B 98 -9.49 2.79 5.14
CA PHE B 98 -10.16 1.75 4.39
C PHE B 98 -9.45 1.20 3.19
N ASP B 99 -8.15 1.38 3.11
CA ASP B 99 -7.44 0.85 1.99
C ASP B 99 -6.22 0.00 2.45
N PRO B 100 -6.41 -0.89 3.39
CA PRO B 100 -5.28 -1.72 3.86
C PRO B 100 -4.80 -2.78 2.84
N PRO B 101 -3.47 -2.96 2.72
CA PRO B 101 -2.95 -3.95 1.82
C PRO B 101 -3.03 -5.34 2.51
N LEU B 102 -2.81 -6.36 1.73
CA LEU B 102 -2.85 -7.71 2.17
C LEU B 102 -2.05 -7.95 3.43
N SER B 103 -0.86 -7.34 3.54
CA SER B 103 -0.04 -7.56 4.73
C SER B 103 -0.73 -7.13 5.97
N MET B 104 -1.69 -6.21 5.81
CA MET B 104 -2.41 -5.75 6.99
C MET B 104 -3.74 -6.53 7.17
N ARG B 105 -4.43 -6.71 6.04
CA ARG B 105 -5.72 -7.41 6.00
C ARG B 105 -5.71 -8.78 6.63
N LEU B 106 -4.57 -9.45 6.53
CA LEU B 106 -4.44 -10.80 7.08
C LEU B 106 -4.01 -10.86 8.54
N ARG B 107 -3.84 -9.73 9.20
CA ARG B 107 -3.41 -9.74 10.57
C ARG B 107 -4.51 -9.92 11.56
N SER B 108 -4.17 -10.52 12.70
CA SER B 108 -5.14 -10.76 13.77
C SER B 108 -5.32 -9.53 14.64
N VAL B 109 -6.33 -9.55 15.50
CA VAL B 109 -6.53 -8.38 16.36
C VAL B 109 -5.29 -8.12 17.22
N GLU B 110 -4.68 -9.22 17.69
CA GLU B 110 -3.47 -9.17 18.49
C GLU B 110 -2.29 -8.56 17.69
N GLU B 111 -2.09 -8.99 16.47
CA GLU B 111 -1.03 -8.40 15.69
C GLU B 111 -1.25 -6.89 15.49
N LEU B 112 -2.47 -6.53 15.08
CA LEU B 112 -2.82 -5.11 14.86
C LEU B 112 -2.59 -4.28 16.09
N THR B 113 -2.92 -4.84 17.25
CA THR B 113 -2.72 -4.12 18.46
C THR B 113 -1.24 -3.75 18.61
N GLN B 114 -0.39 -4.73 18.28
CA GLN B 114 1.03 -4.55 18.36
C GLN B 114 1.47 -3.43 17.44
N PHE B 115 0.99 -3.49 16.23
CA PHE B 115 1.37 -2.47 15.30
C PHE B 115 0.97 -1.08 15.80
N PHE B 116 -0.26 -0.95 16.27
CA PHE B 116 -0.70 0.35 16.77
C PHE B 116 0.14 0.82 17.95
N LEU B 117 0.48 -0.10 18.84
CA LEU B 117 1.27 0.31 19.99
C LEU B 117 2.66 0.74 19.57
N ARG B 118 3.17 0.03 18.57
CA ARG B 118 4.47 0.35 18.10
C ARG B 118 4.54 1.81 17.71
N GLU B 119 3.60 2.22 16.85
CA GLU B 119 3.54 3.59 16.34
C GLU B 119 3.35 4.68 17.36
N ILE B 120 2.68 4.31 18.44
CA ILE B 120 2.42 5.23 19.49
C ILE B 120 3.52 5.26 20.53
N GLN B 121 4.01 4.09 20.92
CA GLN B 121 5.04 3.98 21.96
C GLN B 121 6.49 4.12 21.52
N TYR B 122 6.82 3.45 20.45
CA TYR B 122 8.13 3.44 19.90
C TYR B 122 8.32 4.45 18.83
N GLY B 123 7.35 4.61 17.98
CA GLY B 123 7.46 5.59 16.93
C GLY B 123 7.20 5.05 15.56
N ILE B 124 7.02 6.00 14.65
CA ILE B 124 6.74 5.64 13.30
C ILE B 124 7.96 5.30 12.51
N GLU B 125 7.88 4.16 11.84
CA GLU B 125 8.99 3.70 11.04
C GLU B 125 10.24 3.74 11.91
N ASP B 126 11.29 4.38 11.43
CA ASP B 126 12.53 4.50 12.19
C ASP B 126 12.80 5.91 12.65
N THR B 127 11.78 6.73 12.67
CA THR B 127 11.92 8.11 13.04
C THR B 127 11.81 8.46 14.48
N GLY B 128 11.24 7.60 15.29
CA GLY B 128 11.14 8.06 16.65
C GLY B 128 9.95 9.02 16.82
N ILE B 129 9.28 9.39 15.71
CA ILE B 129 8.11 10.28 15.88
C ILE B 129 6.92 9.40 16.33
N ARG B 130 6.33 9.76 17.47
CA ARG B 130 5.23 9.02 18.02
C ARG B 130 3.84 9.54 17.69
N ALA B 131 2.92 8.63 17.38
CA ALA B 131 1.54 9.01 17.07
C ALA B 131 0.83 9.52 18.30
N GLY B 132 -0.06 10.50 18.08
CA GLY B 132 -0.79 11.06 19.21
C GLY B 132 -2.30 10.75 19.13
N ILE B 133 -2.67 9.94 18.16
CA ILE B 133 -4.04 9.57 17.99
C ILE B 133 -4.12 8.33 17.14
N ILE B 134 -5.26 7.62 17.28
CA ILE B 134 -5.54 6.41 16.53
C ILE B 134 -6.72 6.67 15.55
N VAL B 136 -9.44 5.24 12.80
CA VAL B 136 -10.11 4.06 12.25
C VAL B 136 -11.18 4.47 11.28
N ALA B 137 -11.68 3.51 10.51
CA ALA B 137 -12.72 3.87 9.55
C ALA B 137 -13.66 2.72 9.19
N THR B 138 -14.88 3.13 8.85
CA THR B 138 -15.94 2.26 8.34
C THR B 138 -16.64 3.14 7.31
N THR B 139 -17.28 2.50 6.38
CA THR B 139 -18.04 3.21 5.37
C THR B 139 -19.29 2.34 5.16
N GLY B 140 -20.17 2.36 6.12
CA GLY B 140 -21.36 1.56 6.10
C GLY B 140 -21.04 0.45 7.09
N LYS B 141 -21.81 -0.65 7.05
CA LYS B 141 -21.61 -1.77 7.96
C LYS B 141 -20.14 -2.21 8.00
N ALA B 142 -19.63 -2.40 9.21
CA ALA B 142 -18.25 -2.82 9.31
C ALA B 142 -17.98 -4.17 8.71
N THR B 143 -16.84 -4.27 8.02
CA THR B 143 -16.45 -5.54 7.49
C THR B 143 -15.85 -6.32 8.70
N PRO B 144 -15.65 -7.61 8.56
CA PRO B 144 -15.07 -8.39 9.66
C PRO B 144 -13.67 -7.85 9.99
N PHE B 145 -12.97 -7.46 8.95
CA PHE B 145 -11.63 -6.92 9.15
C PHE B 145 -11.69 -5.62 9.94
N GLN B 146 -12.62 -4.77 9.56
CA GLN B 146 -12.77 -3.51 10.25
C GLN B 146 -13.14 -3.69 11.68
N GLU B 147 -13.88 -4.76 11.99
CA GLU B 147 -14.21 -4.92 13.38
C GLU B 147 -12.93 -5.18 14.20
N LEU B 148 -12.00 -5.92 13.58
CA LEU B 148 -10.75 -6.22 14.25
C LEU B 148 -9.98 -4.95 14.44
N VAL B 149 -10.02 -4.10 13.43
CA VAL B 149 -9.31 -2.85 13.52
C VAL B 149 -9.86 -2.04 14.66
N LEU B 150 -11.20 -2.03 14.75
CA LEU B 150 -11.79 -1.26 15.81
C LEU B 150 -11.41 -1.78 17.17
N LYS B 151 -11.32 -3.10 17.30
CA LYS B 151 -10.98 -3.70 18.60
C LYS B 151 -9.53 -3.37 18.99
N ALA B 152 -8.66 -3.47 17.99
CA ALA B 152 -7.24 -3.18 18.19
C ALA B 152 -7.06 -1.74 18.61
N ALA B 153 -7.80 -0.87 17.92
CA ALA B 153 -7.76 0.54 18.22
C ALA B 153 -8.08 0.80 19.66
N ALA B 154 -9.11 0.14 20.12
CA ALA B 154 -9.57 0.28 21.48
C ALA B 154 -8.55 -0.26 22.48
N ARG B 155 -7.96 -1.39 22.15
CA ARG B 155 -7.00 -1.94 23.09
C ARG B 155 -5.78 -1.03 23.17
N ALA B 156 -5.35 -0.54 22.00
CA ALA B 156 -4.20 0.36 21.97
C ALA B 156 -4.52 1.60 22.75
N SER B 157 -5.74 2.09 22.53
CA SER B 157 -6.15 3.27 23.25
C SER B 157 -6.22 3.03 24.77
N LEU B 158 -6.71 1.87 25.19
CA LEU B 158 -6.82 1.57 26.62
C LEU B 158 -5.43 1.50 27.28
N ALA B 159 -4.45 0.94 26.55
CA ALA B 159 -3.08 0.82 27.07
C ALA B 159 -2.31 2.12 27.12
N THR B 160 -2.57 3.03 26.17
CA THR B 160 -1.85 4.28 26.09
C THR B 160 -2.54 5.54 26.53
N GLY B 161 -3.82 5.62 26.48
CA GLY B 161 -4.46 6.85 26.88
C GLY B 161 -4.71 7.77 25.66
N VAL B 162 -4.21 7.37 24.51
CA VAL B 162 -4.34 8.14 23.28
C VAL B 162 -5.78 8.01 22.71
N PRO B 163 -6.37 9.12 22.29
CA PRO B 163 -7.72 9.10 21.75
C PRO B 163 -7.87 8.40 20.41
N VAL B 164 -9.14 8.05 20.11
CA VAL B 164 -9.51 7.38 18.87
C VAL B 164 -10.41 8.32 18.07
N THR B 165 -10.15 8.39 16.77
CA THR B 165 -10.92 9.24 15.88
C THR B 165 -11.36 8.41 14.65
N THR B 166 -12.59 8.65 14.19
CA THR B 166 -13.06 7.86 13.09
C THR B 166 -13.65 8.60 11.91
N HIS B 167 -13.62 7.81 10.84
CA HIS B 167 -14.18 8.12 9.55
C HIS B 167 -15.49 7.31 9.58
N THR B 168 -16.57 7.96 9.15
CA THR B 168 -17.89 7.31 9.10
C THR B 168 -18.60 7.72 7.84
N ALA B 169 -19.63 6.97 7.52
CA ALA B 169 -20.57 7.22 6.44
C ALA B 169 -21.73 7.62 7.38
N ALA B 170 -21.75 8.92 7.76
CA ALA B 170 -22.72 9.47 8.70
C ALA B 170 -24.16 9.11 8.39
N SER B 171 -24.48 9.25 7.12
CA SER B 171 -25.81 8.97 6.64
C SER B 171 -26.23 7.55 6.96
N GLN B 172 -25.26 6.65 7.09
CA GLN B 172 -25.59 5.30 7.44
C GLN B 172 -25.47 5.01 8.90
N ARG B 173 -25.31 6.08 9.67
CA ARG B 173 -25.25 5.94 11.10
C ARG B 173 -24.10 5.04 11.61
N ASP B 174 -23.00 4.97 10.86
CA ASP B 174 -21.85 4.14 11.25
C ASP B 174 -21.44 4.29 12.69
N GLY B 175 -21.54 5.51 13.20
CA GLY B 175 -21.18 5.81 14.56
C GLY B 175 -21.81 4.88 15.57
N GLU B 176 -22.98 4.39 15.28
CA GLU B 176 -23.65 3.51 16.23
C GLU B 176 -22.93 2.16 16.37
N GLN B 177 -22.56 1.61 15.25
CA GLN B 177 -21.88 0.37 15.24
C GLN B 177 -20.46 0.53 15.83
N GLN B 178 -19.83 1.66 15.56
CA GLN B 178 -18.49 1.89 16.05
C GLN B 178 -18.49 1.92 17.57
N ALA B 179 -19.43 2.66 18.12
CA ALA B 179 -19.57 2.78 19.55
C ALA B 179 -19.81 1.45 20.22
N ALA B 180 -20.62 0.63 19.57
CA ALA B 180 -20.94 -0.66 20.12
C ALA B 180 -19.69 -1.48 20.29
N ILE B 181 -18.84 -1.46 19.25
CA ILE B 181 -17.59 -2.22 19.31
C ILE B 181 -16.66 -1.70 20.38
N PHE B 182 -16.55 -0.39 20.40
CA PHE B 182 -15.69 0.27 21.36
C PHE B 182 -16.10 -0.04 22.75
N GLU B 183 -17.39 0.08 23.01
CA GLU B 183 -17.86 -0.18 24.36
C GLU B 183 -17.64 -1.64 24.75
N SER B 184 -17.72 -2.52 23.79
CA SER B 184 -17.53 -3.89 24.13
C SER B 184 -16.10 -4.14 24.60
N GLU B 185 -15.18 -3.23 24.24
CA GLU B 185 -13.78 -3.38 24.61
C GLU B 185 -13.49 -2.63 25.89
N GLY B 186 -14.48 -1.92 26.36
CA GLY B 186 -14.27 -1.21 27.59
C GLY B 186 -13.79 0.21 27.42
N LEU B 187 -13.73 0.68 26.16
CA LEU B 187 -13.28 2.04 25.92
C LEU B 187 -14.30 3.11 26.29
N SER B 188 -13.85 4.16 26.95
CA SER B 188 -14.72 5.26 27.35
C SER B 188 -15.06 6.13 26.15
N PRO B 189 -16.35 6.45 25.97
CA PRO B 189 -16.76 7.27 24.82
C PRO B 189 -16.02 8.58 24.75
N SER B 190 -15.64 9.11 25.92
CA SER B 190 -14.93 10.38 26.00
C SER B 190 -13.54 10.32 25.30
N ARG B 191 -13.09 9.12 24.93
CA ARG B 191 -11.80 8.99 24.24
C ARG B 191 -12.02 8.83 22.76
N VAL B 192 -13.29 8.97 22.34
CA VAL B 192 -13.61 8.78 20.94
C VAL B 192 -14.33 9.94 20.23
N CYS B 193 -13.89 10.18 19.01
CA CYS B 193 -14.46 11.19 18.18
C CYS B 193 -15.01 10.52 16.95
N ILE B 194 -16.33 10.69 16.79
CA ILE B 194 -17.02 10.13 15.63
C ILE B 194 -17.01 11.21 14.54
N GLY B 195 -16.17 11.06 13.51
CA GLY B 195 -16.04 12.05 12.46
C GLY B 195 -16.97 11.99 11.28
N HIS B 196 -16.82 13.05 10.45
CA HIS B 196 -17.60 13.32 9.23
C HIS B 196 -19.07 13.38 9.62
N SER B 197 -19.32 13.77 10.86
CA SER B 197 -20.66 13.80 11.36
C SER B 197 -21.54 14.86 10.80
N ASP B 198 -20.95 15.84 10.16
CA ASP B 198 -21.77 16.90 9.61
C ASP B 198 -22.27 16.44 8.25
N ASP B 199 -21.89 15.21 7.89
CA ASP B 199 -22.32 14.68 6.63
C ASP B 199 -23.82 14.23 6.66
N THR B 200 -24.48 14.34 7.79
CA THR B 200 -25.86 13.96 7.87
C THR B 200 -26.68 15.10 8.43
N ASP B 201 -28.01 15.12 8.13
CA ASP B 201 -28.91 16.15 8.66
C ASP B 201 -29.69 15.58 9.84
N ASP B 202 -29.39 14.31 10.16
CA ASP B 202 -30.06 13.63 11.26
C ASP B 202 -29.54 13.97 12.65
N LEU B 203 -30.00 15.08 13.19
CA LEU B 203 -29.59 15.55 14.48
C LEU B 203 -29.91 14.57 15.57
N SER B 204 -30.87 13.73 15.34
CA SER B 204 -31.24 12.78 16.38
C SER B 204 -30.19 11.71 16.55
N TYR B 205 -29.61 11.38 15.45
CA TYR B 205 -28.58 10.38 15.49
C TYR B 205 -27.35 10.99 16.21
N LEU B 206 -27.05 12.22 15.86
CA LEU B 206 -25.93 12.97 16.47
C LEU B 206 -26.13 13.19 17.95
N THR B 207 -27.31 13.64 18.34
CA THR B 207 -27.52 13.88 19.73
C THR B 207 -27.50 12.62 20.57
N ALA B 208 -27.87 11.48 20.00
CA ALA B 208 -27.87 10.27 20.79
C ALA B 208 -26.46 9.82 21.14
N LEU B 209 -25.56 10.04 20.20
CA LEU B 209 -24.16 9.69 20.41
C LEU B 209 -23.56 10.68 21.42
N ALA B 210 -23.87 11.97 21.24
CA ALA B 210 -23.36 12.94 22.15
C ALA B 210 -23.76 12.64 23.58
N ALA B 211 -25.02 12.25 23.73
CA ALA B 211 -25.58 11.95 25.04
C ALA B 211 -24.83 10.83 25.75
N ARG B 212 -24.30 9.91 24.95
CA ARG B 212 -23.54 8.81 25.46
C ARG B 212 -22.10 9.19 25.82
N GLY B 213 -21.72 10.41 25.55
CA GLY B 213 -20.35 10.83 25.89
C GLY B 213 -19.37 10.91 24.73
N TYR B 214 -19.77 10.48 23.55
CA TYR B 214 -18.86 10.57 22.42
C TYR B 214 -18.65 12.00 21.99
N LEU B 215 -17.53 12.18 21.30
CA LEU B 215 -17.23 13.45 20.74
C LEU B 215 -17.72 13.36 19.29
N ILE B 216 -18.28 14.46 18.80
CA ILE B 216 -18.80 14.51 17.46
C ILE B 216 -17.92 15.39 16.60
N GLY B 217 -17.34 14.82 15.55
CA GLY B 217 -16.49 15.60 14.71
C GLY B 217 -17.22 16.19 13.50
N LEU B 218 -17.38 17.52 13.53
CA LEU B 218 -18.00 18.26 12.44
C LEU B 218 -16.81 18.80 11.66
N ASP B 219 -16.32 17.94 10.79
CA ASP B 219 -15.14 18.26 10.04
C ASP B 219 -15.28 18.33 8.56
N HIS B 220 -16.47 18.42 8.04
CA HIS B 220 -16.56 18.51 6.59
C HIS B 220 -17.19 19.84 6.15
N ILE B 221 -17.18 20.80 7.07
CA ILE B 221 -17.77 22.12 6.85
C ILE B 221 -17.63 22.75 5.46
N PRO B 222 -16.42 22.82 4.91
CA PRO B 222 -16.27 23.44 3.61
C PRO B 222 -16.52 22.52 2.44
N HIS B 223 -16.86 21.24 2.67
CA HIS B 223 -17.10 20.31 1.58
C HIS B 223 -18.46 20.54 0.98
N SER B 224 -18.49 21.05 -0.24
CA SER B 224 -19.74 21.34 -0.92
C SER B 224 -19.49 21.45 -2.39
N ALA B 225 -20.27 20.74 -3.18
CA ALA B 225 -20.10 20.82 -4.61
C ALA B 225 -21.13 21.77 -5.23
N ILE B 226 -21.76 22.58 -4.39
CA ILE B 226 -22.77 23.51 -4.83
C ILE B 226 -22.23 24.39 -5.96
N GLY B 227 -22.97 24.47 -7.07
CA GLY B 227 -22.52 25.27 -8.18
C GLY B 227 -21.56 24.49 -9.08
N LEU B 228 -21.46 23.21 -8.81
CA LEU B 228 -20.58 22.34 -9.58
C LEU B 228 -21.27 21.05 -9.92
N GLU B 229 -22.59 21.01 -9.78
CA GLU B 229 -23.31 19.79 -10.06
C GLU B 229 -22.93 19.18 -11.40
N ASP B 230 -22.34 20.04 -12.26
CA ASP B 230 -21.85 19.71 -13.60
C ASP B 230 -20.72 18.69 -13.56
N ASN B 231 -20.27 18.38 -12.34
CA ASN B 231 -19.15 17.44 -12.12
C ASN B 231 -19.48 16.29 -11.16
N ALA B 232 -19.71 15.13 -11.73
CA ALA B 232 -20.07 13.93 -10.99
C ALA B 232 -19.15 13.54 -9.85
N SER B 233 -17.87 13.47 -10.18
CA SER B 233 -16.85 13.09 -9.23
C SER B 233 -16.87 13.96 -7.99
N ALA B 234 -16.84 15.26 -8.23
CA ALA B 234 -16.86 16.23 -7.18
C ALA B 234 -18.11 16.15 -6.34
N SER B 235 -19.24 16.09 -7.03
CA SER B 235 -20.51 16.02 -6.35
C SER B 235 -20.53 14.82 -5.46
N ALA B 236 -20.02 13.74 -6.05
CA ALA B 236 -19.95 12.45 -5.37
C ALA B 236 -19.14 12.55 -4.09
N LEU B 237 -18.07 13.32 -4.17
CA LEU B 237 -17.18 13.51 -3.06
C LEU B 237 -17.62 14.51 -2.02
N LEU B 238 -17.89 15.73 -2.44
CA LEU B 238 -18.27 16.84 -1.56
C LEU B 238 -19.72 16.98 -1.17
N GLY B 239 -20.64 16.40 -1.94
CA GLY B 239 -22.04 16.55 -1.57
C GLY B 239 -22.63 17.86 -2.11
N ILE B 240 -23.92 18.05 -1.86
CA ILE B 240 -24.59 19.26 -2.33
C ILE B 240 -25.18 20.13 -1.25
N ARG B 241 -24.81 19.85 -0.01
CA ARG B 241 -25.27 20.65 1.09
C ARG B 241 -24.32 21.84 1.16
N SER B 242 -24.81 22.98 1.58
CA SER B 242 -23.96 24.16 1.65
C SER B 242 -23.17 24.16 2.95
N TRP B 243 -22.08 24.93 2.93
CA TRP B 243 -21.27 25.01 4.11
C TRP B 243 -22.05 25.58 5.25
N GLN B 244 -22.95 26.52 4.95
CA GLN B 244 -23.77 27.09 6.03
C GLN B 244 -24.62 26.03 6.74
N THR B 245 -25.15 25.11 5.93
CA THR B 245 -25.98 24.07 6.48
C THR B 245 -25.17 23.23 7.45
N ARG B 246 -23.97 22.85 7.01
CA ARG B 246 -23.13 22.04 7.90
C ARG B 246 -22.79 22.82 9.18
N ALA B 247 -22.38 24.08 8.98
CA ALA B 247 -22.03 24.92 10.11
C ALA B 247 -23.14 25.02 11.14
N LEU B 248 -24.36 25.07 10.63
CA LEU B 248 -25.50 25.19 11.51
C LEU B 248 -25.65 24.03 12.45
N LEU B 249 -25.17 22.85 12.01
CA LEU B 249 -25.24 21.68 12.89
C LEU B 249 -24.41 21.97 14.15
N ILE B 250 -23.35 22.76 13.97
CA ILE B 250 -22.53 23.10 15.12
C ILE B 250 -23.39 23.86 16.12
N LYS B 251 -24.08 24.89 15.61
CA LYS B 251 -24.93 25.67 16.51
C LYS B 251 -26.04 24.78 17.15
N ALA B 252 -26.57 23.89 16.31
CA ALA B 252 -27.64 23.00 16.80
C ALA B 252 -27.20 22.20 18.00
N LEU B 253 -26.01 21.59 17.91
CA LEU B 253 -25.50 20.78 19.03
C LEU B 253 -25.21 21.61 20.25
N ILE B 254 -24.82 22.85 19.99
CA ILE B 254 -24.55 23.75 21.10
C ILE B 254 -25.85 24.04 21.80
N ASP B 255 -26.81 24.49 20.97
CA ASP B 255 -28.13 24.81 21.49
C ASP B 255 -28.68 23.67 22.34
N GLN B 256 -28.33 22.43 21.99
CA GLN B 256 -28.79 21.28 22.73
C GLN B 256 -27.96 20.94 23.96
N GLY B 257 -27.01 21.82 24.29
CA GLY B 257 -26.16 21.65 25.44
C GLY B 257 -24.96 20.72 25.28
N TYR B 258 -24.46 20.50 24.06
CA TYR B 258 -23.31 19.61 23.90
C TYR B 258 -22.06 20.30 23.44
N MET B 259 -21.92 21.54 23.83
CA MET B 259 -20.74 22.24 23.39
C MET B 259 -19.41 21.57 23.71
N LYS B 260 -19.34 20.90 24.87
CA LYS B 260 -18.11 20.23 25.31
C LYS B 260 -17.83 19.00 24.52
N GLN B 261 -18.79 18.61 23.67
CA GLN B 261 -18.61 17.40 22.88
C GLN B 261 -18.36 17.64 21.42
N ILE B 262 -18.12 18.88 21.06
CA ILE B 262 -17.90 19.18 19.69
C ILE B 262 -16.45 19.48 19.32
N LEU B 263 -16.07 18.97 18.15
CA LEU B 263 -14.76 19.19 17.54
C LEU B 263 -15.03 19.60 16.10
N VAL B 264 -14.34 20.61 15.65
CA VAL B 264 -14.53 21.06 14.28
C VAL B 264 -13.22 21.09 13.47
N SER B 265 -13.34 20.78 12.17
CA SER B 265 -12.22 20.76 11.26
C SER B 265 -12.71 20.93 9.83
N ASN B 266 -11.76 20.82 8.88
CA ASN B 266 -11.97 20.97 7.44
C ASN B 266 -11.79 19.71 6.64
N ASP B 267 -11.02 18.75 7.20
CA ASP B 267 -10.71 17.56 6.45
C ASP B 267 -10.06 18.02 5.18
N TRP B 268 -9.20 19.05 5.30
CA TRP B 268 -8.52 19.54 4.11
C TRP B 268 -7.22 18.74 3.86
N LEU B 269 -6.59 19.04 2.74
CA LEU B 269 -5.34 18.43 2.28
C LEU B 269 -4.68 19.28 1.21
N PHE B 270 -3.42 18.97 0.91
CA PHE B 270 -2.63 19.70 -0.08
C PHE B 270 -2.32 18.91 -1.29
N GLY B 271 -2.52 17.60 -1.19
CA GLY B 271 -2.28 16.65 -2.26
C GLY B 271 -3.30 15.53 -2.06
N PHE B 272 -3.70 14.90 -3.14
CA PHE B 272 -4.73 13.87 -3.02
C PHE B 272 -4.63 12.95 -4.18
N SER B 273 -3.96 11.81 -3.99
CA SER B 273 -3.79 10.88 -5.09
C SER B 273 -4.78 9.72 -5.05
N SER B 274 -5.47 9.60 -3.92
CA SER B 274 -6.43 8.53 -3.76
C SER B 274 -7.83 8.84 -4.33
N TYR B 275 -7.91 9.75 -5.29
CA TYR B 275 -9.17 10.09 -5.92
C TYR B 275 -8.87 10.36 -7.37
N VAL B 276 -9.83 10.93 -8.10
CA VAL B 276 -9.60 11.22 -9.50
C VAL B 276 -8.50 12.28 -9.68
N THR B 277 -7.83 12.17 -10.83
CA THR B 277 -6.78 13.09 -11.17
C THR B 277 -7.35 14.50 -11.27
N ASN B 278 -6.63 15.46 -10.71
CA ASN B 278 -6.98 16.89 -10.74
C ASN B 278 -8.06 17.33 -9.78
N ILE B 279 -8.41 16.43 -8.86
CA ILE B 279 -9.42 16.71 -7.85
C ILE B 279 -8.99 17.93 -7.02
N MET B 280 -7.69 18.09 -6.82
CA MET B 280 -7.22 19.22 -6.04
C MET B 280 -7.63 20.52 -6.61
N ASP B 281 -7.48 20.63 -7.93
CA ASP B 281 -7.87 21.86 -8.59
C ASP B 281 -9.30 22.23 -8.23
N VAL B 282 -10.20 21.25 -8.32
CA VAL B 282 -11.56 21.48 -7.98
C VAL B 282 -11.68 21.94 -6.52
N MET B 283 -11.03 21.23 -5.60
CA MET B 283 -11.13 21.58 -4.20
C MET B 283 -10.63 22.96 -3.85
N ASP B 284 -9.51 23.32 -4.46
CA ASP B 284 -8.97 24.62 -4.17
C ASP B 284 -9.90 25.71 -4.65
N ARG B 285 -10.65 25.42 -5.72
CA ARG B 285 -11.64 26.36 -6.26
C ARG B 285 -12.77 26.47 -5.29
N VAL B 286 -13.20 25.36 -4.81
CA VAL B 286 -14.27 25.37 -3.88
C VAL B 286 -13.92 26.07 -2.58
N ASN B 287 -12.71 25.85 -2.08
CA ASN B 287 -12.31 26.46 -0.81
C ASN B 287 -10.89 27.00 -0.83
N PRO B 288 -10.77 28.19 -1.36
CA PRO B 288 -9.51 28.89 -1.48
C PRO B 288 -8.86 29.16 -0.14
N ASP B 289 -9.66 29.20 0.95
CA ASP B 289 -9.08 29.44 2.26
C ASP B 289 -8.43 28.20 2.80
N GLY B 290 -8.68 27.04 2.20
CA GLY B 290 -8.06 25.84 2.73
C GLY B 290 -8.38 25.65 4.22
N MET B 291 -7.35 25.31 5.03
CA MET B 291 -7.54 25.08 6.46
C MET B 291 -7.95 26.28 7.27
N ALA B 292 -7.74 27.48 6.72
CA ALA B 292 -8.12 28.70 7.42
C ALA B 292 -9.63 28.93 7.30
N PHE B 293 -10.30 28.03 6.58
CA PHE B 293 -11.72 28.16 6.40
C PHE B 293 -12.44 28.25 7.71
N ILE B 294 -12.08 27.39 8.65
CA ILE B 294 -12.73 27.45 9.94
C ILE B 294 -12.62 28.82 10.65
N PRO B 295 -11.42 29.33 10.90
CA PRO B 295 -11.34 30.60 11.62
C PRO B 295 -11.80 31.81 10.83
N LEU B 296 -11.57 31.75 9.54
CA LEU B 296 -11.95 32.86 8.72
C LEU B 296 -13.42 32.93 8.34
N ARG B 297 -14.08 31.79 8.17
CA ARG B 297 -15.51 31.84 7.77
C ARG B 297 -16.51 31.34 8.79
N VAL B 298 -16.25 30.16 9.31
CA VAL B 298 -17.10 29.51 10.29
C VAL B 298 -17.26 30.23 11.63
N ILE B 299 -16.15 30.62 12.28
CA ILE B 299 -16.22 31.29 13.59
C ILE B 299 -17.04 32.56 13.51
N PRO B 300 -16.75 33.36 12.51
CA PRO B 300 -17.47 34.59 12.35
C PRO B 300 -18.95 34.33 12.11
N PHE B 301 -19.20 33.31 11.31
CA PHE B 301 -20.54 32.93 10.99
C PHE B 301 -21.29 32.58 12.24
N LEU B 302 -20.67 31.74 13.05
CA LEU B 302 -21.31 31.34 14.28
C LEU B 302 -21.53 32.46 15.24
N ARG B 303 -20.54 33.37 15.29
CA ARG B 303 -20.63 34.50 16.20
C ARG B 303 -21.91 35.28 15.85
N GLU B 304 -21.96 35.57 14.55
CA GLU B 304 -23.03 36.32 13.91
C GLU B 304 -24.38 35.70 14.12
N LYS B 305 -24.40 34.39 14.36
CA LYS B 305 -25.66 33.71 14.61
C LYS B 305 -25.95 33.60 16.08
N GLY B 306 -25.22 34.37 16.90
CA GLY B 306 -25.52 34.33 18.31
C GLY B 306 -24.59 33.53 19.18
N VAL B 307 -23.66 32.76 18.60
CA VAL B 307 -22.76 31.98 19.46
C VAL B 307 -21.74 32.91 20.12
N PRO B 308 -21.69 32.84 21.46
CA PRO B 308 -20.78 33.66 22.22
C PRO B 308 -19.34 33.25 22.01
N GLN B 309 -18.48 34.27 21.92
CA GLN B 309 -17.06 34.08 21.70
C GLN B 309 -16.50 33.02 22.62
N GLU B 310 -16.83 33.13 23.88
CA GLU B 310 -16.36 32.18 24.84
C GLU B 310 -16.64 30.75 24.45
N THR B 311 -17.85 30.48 23.97
CA THR B 311 -18.21 29.12 23.58
C THR B 311 -17.37 28.62 22.42
N LEU B 312 -17.08 29.54 21.52
CA LEU B 312 -16.30 29.31 20.33
C LEU B 312 -14.87 28.92 20.71
N ALA B 313 -14.39 29.55 21.77
CA ALA B 313 -13.05 29.28 22.25
C ALA B 313 -13.02 27.88 22.88
N GLY B 314 -14.07 27.57 23.61
CA GLY B 314 -14.16 26.29 24.23
C GLY B 314 -14.10 25.20 23.19
N ILE B 315 -14.73 25.43 22.07
CA ILE B 315 -14.74 24.40 21.05
C ILE B 315 -13.45 24.22 20.30
N THR B 316 -12.78 25.36 20.01
CA THR B 316 -11.54 25.32 19.24
C THR B 316 -10.24 25.17 20.03
N VAL B 317 -10.35 25.40 21.32
CA VAL B 317 -9.22 25.32 22.19
C VAL B 317 -9.37 24.26 23.26
N THR B 318 -10.36 24.45 24.11
CA THR B 318 -10.56 23.52 25.21
C THR B 318 -10.88 22.08 24.88
N ASN B 319 -11.85 21.84 23.99
CA ASN B 319 -12.26 20.47 23.65
C ASN B 319 -11.14 19.64 23.09
N PRO B 320 -10.43 20.22 22.13
CA PRO B 320 -9.32 19.50 21.54
C PRO B 320 -8.24 19.14 22.59
N ALA B 321 -7.92 20.10 23.47
CA ALA B 321 -6.93 19.88 24.51
C ALA B 321 -7.35 18.69 25.37
N ARG B 322 -8.59 18.69 25.85
CA ARG B 322 -9.10 17.61 26.67
C ARG B 322 -9.05 16.28 25.93
N PHE B 323 -9.43 16.34 24.66
CA PHE B 323 -9.47 15.18 23.82
C PHE B 323 -8.09 14.54 23.61
N LEU B 324 -7.14 15.39 23.22
CA LEU B 324 -5.80 14.95 22.91
C LEU B 324 -4.95 14.52 24.10
N SER B 325 -5.23 15.07 25.29
CA SER B 325 -4.45 14.68 26.47
C SER B 325 -4.57 13.19 26.73
N PRO B 326 -3.45 12.45 26.63
CA PRO B 326 -3.47 11.01 26.86
C PRO B 326 -4.09 10.79 28.21
N THR B 327 -5.12 9.96 28.26
CA THR B 327 -5.83 9.77 29.50
C THR B 327 -6.16 8.33 29.76
N LEU B 328 -5.59 7.77 30.80
CA LEU B 328 -5.87 6.39 31.12
C LEU B 328 -7.02 6.24 32.07
N ARG B 329 -7.65 5.09 31.97
CA ARG B 329 -8.78 4.74 32.83
C ARG B 329 -8.27 4.17 34.17
#